data_6BN5
#
_entry.id   6BN5
#
_cell.length_a   46.190
_cell.length_b   212.234
_cell.length_c   55.472
_cell.angle_alpha   90.00
_cell.angle_beta   96.23
_cell.angle_gamma   90.00
#
_symmetry.space_group_name_H-M   'P 1 21 1'
#
loop_
_entity.id
_entity.type
_entity.pdbx_description
1 polymer 'Tyrosine-protein phosphatase non-receptor type 11'
2 non-polymer 3-benzyl-8-chloro-2-hydroxy-4H-pyrimido[2,1-b][1,3]benzothiazol-4-one
3 water water
#
_entity_poly.entity_id   1
_entity_poly.type   'polypeptide(L)'
_entity_poly.pdbx_seq_one_letter_code
;SMTSRRWFHPNITGVEAENLLLTRGVDGSFLARPSKSNPGDFTLSVRRNGAVTHIKIQNTGDYYDLYGGEKFATLAELVQ
YYMEHHGQLKEKNGDVIELKYPLNCADPTSERWFHGHLSGKEAEKLLTEKGKHGSFLVRESQSHPGDFVLSVRTGDDKGE
SNDGKSKVTHVMIRCQELKYDVGGGERFDSLTDLVEHYKKNPMVETLGTVLQLKQPLNTTRINAAEIESRVRELSKLAET
TDKVKQGFWEEFETLQQQECKLLYSRKEGQRQENKNKNRYKNILPSDHTRVVLHDGDPNEPVSDYINANIIMPEFETKCN
NSKPKKSYIATQGCLQNTVNDFWRMVFQENSRVIVMTTKEVERGKSKCVKYWPDEYALKEYGVMRVRNVKESAAHDYTLR
ELKLSKVGQGNTERTVWQYHFRTWPDHGVPSDPGGVLDFLEEVHHKQESIMDAGPVVVHCSAGIGRTGTFIVIDILIDII
REKGVDCDIDVPKTIQMVRSQRSGMVQTEAQYRFIYMAVQHYIETL
;
_entity_poly.pdbx_strand_id   A,B
#
loop_
_chem_comp.id
_chem_comp.type
_chem_comp.name
_chem_comp.formula
DZJ non-polymer 3-benzyl-8-chloro-2-hydroxy-4H-pyrimido[2,1-b][1,3]benzothiazol-4-one 'C17 H11 Cl N2 O2 S'
#
# COMPACT_ATOMS: atom_id res chain seq x y z
N TRP A 7 -11.76 -1.70 14.38
CA TRP A 7 -13.14 -1.73 14.87
C TRP A 7 -13.22 -1.92 16.39
N PHE A 8 -12.11 -2.34 17.04
CA PHE A 8 -12.06 -2.43 18.50
C PHE A 8 -11.53 -1.13 19.10
N HIS A 9 -12.29 -0.54 20.05
CA HIS A 9 -11.93 0.72 20.73
C HIS A 9 -11.75 0.42 22.21
N PRO A 10 -10.50 0.42 22.75
CA PRO A 10 -10.30 -0.03 24.14
C PRO A 10 -10.75 0.88 25.27
N ASN A 11 -10.73 2.22 25.11
CA ASN A 11 -11.09 3.07 26.24
C ASN A 11 -12.25 4.04 25.95
N ILE A 12 -13.34 3.52 25.35
CA ILE A 12 -14.51 4.38 25.11
C ILE A 12 -15.71 3.93 25.98
N THR A 13 -16.77 4.76 25.99
CA THR A 13 -18.03 4.54 26.69
C THR A 13 -19.17 4.37 25.66
N GLY A 14 -20.36 3.99 26.15
CA GLY A 14 -21.56 3.83 25.33
C GLY A 14 -21.99 5.09 24.62
N VAL A 15 -21.89 6.26 25.30
CA VAL A 15 -22.25 7.57 24.75
C VAL A 15 -21.25 8.01 23.68
N GLU A 16 -19.93 7.87 23.98
CA GLU A 16 -18.84 8.17 23.06
C GLU A 16 -18.98 7.36 21.78
N ALA A 17 -19.30 6.05 21.91
CA ALA A 17 -19.52 5.16 20.76
C ALA A 17 -20.72 5.60 19.93
N GLU A 18 -21.86 5.92 20.61
CA GLU A 18 -23.14 6.37 20.02
C GLU A 18 -22.98 7.63 19.18
N ASN A 19 -22.19 8.60 19.68
CA ASN A 19 -21.92 9.86 18.98
C ASN A 19 -20.99 9.62 17.79
N LEU A 20 -19.93 8.78 17.97
CA LEU A 20 -18.96 8.38 16.95
C LEU A 20 -19.63 7.76 15.73
N LEU A 21 -20.55 6.80 15.97
CA LEU A 21 -21.29 6.13 14.91
C LEU A 21 -22.32 7.04 14.22
N LEU A 22 -22.85 8.05 14.96
CA LEU A 22 -23.82 8.99 14.38
C LEU A 22 -23.15 10.10 13.56
N THR A 23 -22.00 10.60 14.04
CA THR A 23 -21.22 11.67 13.40
C THR A 23 -20.22 11.14 12.35
N ARG A 24 -19.32 10.23 12.76
CA ARG A 24 -18.29 9.69 11.88
C ARG A 24 -18.71 8.40 11.12
N GLY A 25 -19.97 7.99 11.27
CA GLY A 25 -20.47 6.78 10.62
C GLY A 25 -21.75 6.91 9.84
N VAL A 26 -22.17 5.79 9.24
CA VAL A 26 -23.40 5.62 8.46
C VAL A 26 -24.15 4.37 8.99
N ASP A 27 -25.10 3.84 8.22
CA ASP A 27 -25.83 2.63 8.55
C ASP A 27 -24.99 1.45 8.09
N GLY A 28 -24.93 0.42 8.93
CA GLY A 28 -24.09 -0.74 8.69
C GLY A 28 -22.75 -0.55 9.37
N SER A 29 -22.51 0.69 9.87
CA SER A 29 -21.28 1.04 10.59
C SER A 29 -21.32 0.41 11.97
N PHE A 30 -20.18 -0.13 12.39
CA PHE A 30 -20.07 -0.81 13.67
C PHE A 30 -18.70 -0.66 14.34
N LEU A 31 -18.70 -0.83 15.65
CA LEU A 31 -17.50 -0.91 16.46
C LEU A 31 -17.72 -1.96 17.57
N ALA A 32 -16.65 -2.25 18.33
CA ALA A 32 -16.62 -3.16 19.49
C ALA A 32 -15.84 -2.44 20.59
N ARG A 33 -16.19 -2.70 21.86
CA ARG A 33 -15.57 -2.06 23.02
C ARG A 33 -15.74 -2.84 24.33
N PRO A 34 -14.79 -2.73 25.29
CA PRO A 34 -14.99 -3.38 26.61
C PRO A 34 -16.11 -2.67 27.41
N SER A 35 -16.98 -3.43 28.09
CA SER A 35 -18.09 -2.85 28.83
C SER A 35 -18.10 -3.31 30.29
N ASP A 41 -16.71 -9.23 29.36
CA ASP A 41 -17.80 -8.35 28.92
C ASP A 41 -17.42 -7.33 27.84
N PHE A 42 -18.09 -7.45 26.67
CA PHE A 42 -17.90 -6.60 25.50
C PHE A 42 -19.27 -6.17 24.93
N THR A 43 -19.26 -5.12 24.08
CA THR A 43 -20.47 -4.60 23.41
C THR A 43 -20.17 -4.29 21.92
N LEU A 44 -21.06 -4.77 21.05
CA LEU A 44 -21.08 -4.58 19.62
C LEU A 44 -22.04 -3.41 19.37
N SER A 45 -21.48 -2.23 19.08
CA SER A 45 -22.28 -1.03 18.82
C SER A 45 -22.38 -0.84 17.30
N VAL A 46 -23.59 -1.02 16.77
CA VAL A 46 -23.92 -0.96 15.34
C VAL A 46 -24.89 0.20 15.14
N ARG A 47 -24.88 0.85 13.95
CA ARG A 47 -25.82 1.92 13.59
C ARG A 47 -26.82 1.46 12.52
N ALA A 51 -30.41 4.27 13.48
CA ALA A 51 -30.35 4.19 14.94
C ALA A 51 -29.20 3.29 15.43
N VAL A 52 -28.59 3.63 16.60
CA VAL A 52 -27.49 2.91 17.25
C VAL A 52 -27.98 1.84 18.25
N THR A 53 -27.64 0.57 18.00
CA THR A 53 -27.97 -0.60 18.84
C THR A 53 -26.71 -1.11 19.54
N HIS A 54 -26.86 -1.60 20.78
CA HIS A 54 -25.78 -2.16 21.58
C HIS A 54 -26.04 -3.64 21.85
N ILE A 55 -25.17 -4.52 21.29
CA ILE A 55 -25.27 -5.97 21.39
C ILE A 55 -24.19 -6.51 22.33
N LYS A 56 -24.61 -7.23 23.40
CA LYS A 56 -23.70 -7.77 24.40
C LYS A 56 -22.94 -9.04 23.96
N ILE A 57 -21.65 -9.09 24.34
CA ILE A 57 -20.73 -10.20 24.12
C ILE A 57 -20.22 -10.55 25.49
N GLN A 58 -20.41 -11.79 25.88
CA GLN A 58 -19.95 -12.30 27.16
C GLN A 58 -18.89 -13.35 26.90
N ASN A 59 -17.84 -13.32 27.71
CA ASN A 59 -16.79 -14.32 27.70
C ASN A 59 -16.38 -14.60 29.14
N THR A 60 -16.88 -15.72 29.71
CA THR A 60 -16.56 -16.17 31.08
C THR A 60 -15.31 -17.08 31.10
N GLY A 61 -14.80 -17.43 29.91
CA GLY A 61 -13.59 -18.24 29.82
C GLY A 61 -13.55 -19.31 28.75
N ASP A 62 -14.66 -19.59 28.11
CA ASP A 62 -14.69 -20.66 27.10
C ASP A 62 -14.68 -20.19 25.64
N TYR A 63 -15.38 -19.09 25.35
CA TYR A 63 -15.67 -18.52 24.02
C TYR A 63 -16.39 -17.17 24.21
N TYR A 64 -16.59 -16.49 23.09
CA TYR A 64 -17.32 -15.22 22.98
C TYR A 64 -18.75 -15.54 22.59
N ASP A 65 -19.69 -15.30 23.52
CA ASP A 65 -21.10 -15.57 23.27
C ASP A 65 -21.79 -14.25 23.06
N LEU A 66 -22.24 -14.02 21.82
CA LEU A 66 -22.96 -12.82 21.41
C LEU A 66 -24.45 -13.02 21.72
N TYR A 67 -25.14 -12.02 22.31
CA TYR A 67 -26.58 -12.15 22.58
C TYR A 67 -27.34 -12.22 21.25
N GLY A 68 -28.16 -13.25 21.09
CA GLY A 68 -28.95 -13.45 19.88
C GLY A 68 -28.06 -13.71 18.69
N GLY A 69 -26.96 -14.39 18.96
CA GLY A 69 -25.97 -14.74 17.96
C GLY A 69 -25.35 -16.09 18.23
N GLU A 70 -24.06 -16.22 17.91
CA GLU A 70 -23.38 -17.48 18.10
C GLU A 70 -22.11 -17.34 18.95
N LYS A 71 -21.41 -18.48 19.18
CA LYS A 71 -20.19 -18.59 19.99
C LYS A 71 -18.93 -18.62 19.11
N PHE A 72 -17.93 -17.82 19.46
CA PHE A 72 -16.70 -17.70 18.64
C PHE A 72 -15.42 -17.79 19.47
N ALA A 73 -14.30 -18.16 18.81
CA ALA A 73 -12.96 -18.23 19.41
C ALA A 73 -12.37 -16.84 19.61
N THR A 74 -12.59 -15.94 18.65
CA THR A 74 -12.06 -14.57 18.75
C THR A 74 -13.14 -13.54 18.39
N LEU A 75 -12.94 -12.28 18.82
CA LEU A 75 -13.81 -11.17 18.46
C LEU A 75 -13.72 -10.91 16.96
N ALA A 76 -12.52 -11.16 16.38
CA ALA A 76 -12.27 -10.96 14.94
C ALA A 76 -12.94 -12.04 14.11
N GLU A 77 -13.06 -13.28 14.66
CA GLU A 77 -13.74 -14.37 13.96
C GLU A 77 -15.24 -14.06 13.93
N LEU A 78 -15.77 -13.52 15.04
CA LEU A 78 -17.15 -13.06 15.23
C LEU A 78 -17.51 -12.03 14.17
N VAL A 79 -16.74 -10.93 14.10
CA VAL A 79 -16.93 -9.81 13.16
C VAL A 79 -16.78 -10.30 11.71
N GLN A 80 -15.77 -11.13 11.39
CA GLN A 80 -15.58 -11.67 10.04
C GLN A 80 -16.81 -12.49 9.57
N TYR A 81 -17.40 -13.28 10.47
CA TYR A 81 -18.60 -14.09 10.25
C TYR A 81 -19.87 -13.24 9.96
N TYR A 82 -20.15 -12.20 10.76
CA TYR A 82 -21.35 -11.38 10.57
C TYR A 82 -21.23 -10.37 9.41
N MET A 83 -20.00 -10.03 9.00
CA MET A 83 -19.77 -9.19 7.83
C MET A 83 -19.96 -10.01 6.55
N GLU A 84 -19.82 -11.36 6.64
CA GLU A 84 -19.93 -12.29 5.51
C GLU A 84 -21.32 -12.92 5.31
N HIS A 85 -22.00 -13.32 6.40
CA HIS A 85 -23.30 -13.99 6.36
C HIS A 85 -24.45 -13.00 6.48
N ILE A 97 -29.64 -6.77 11.59
CA ILE A 97 -28.54 -5.98 12.17
C ILE A 97 -27.27 -6.20 11.33
N GLU A 98 -26.99 -5.29 10.38
CA GLU A 98 -25.89 -5.36 9.43
C GLU A 98 -24.54 -4.82 9.92
N LEU A 99 -23.47 -5.67 9.84
CA LEU A 99 -22.08 -5.26 10.10
C LEU A 99 -21.54 -5.09 8.69
N LYS A 100 -21.29 -3.84 8.29
CA LYS A 100 -20.82 -3.47 6.95
C LYS A 100 -19.54 -2.64 7.03
N TYR A 101 -19.57 -1.51 7.77
CA TYR A 101 -18.40 -0.62 7.84
C TYR A 101 -17.78 -0.54 9.23
N PRO A 102 -16.56 -1.07 9.38
CA PRO A 102 -15.89 -0.96 10.67
C PRO A 102 -15.46 0.49 10.89
N LEU A 103 -15.86 1.07 12.03
CA LEU A 103 -15.46 2.42 12.41
C LEU A 103 -14.12 2.28 13.16
N ASN A 104 -13.02 2.53 12.43
CA ASN A 104 -11.62 2.47 12.91
C ASN A 104 -11.31 3.40 14.09
N CYS A 105 -10.47 2.88 15.01
CA CYS A 105 -10.03 3.49 16.26
C CYS A 105 -8.67 4.14 16.04
N ALA A 106 -8.43 5.29 16.68
CA ALA A 106 -7.17 6.05 16.59
C ALA A 106 -6.24 5.91 17.80
N ASP A 107 -6.78 5.62 18.99
CA ASP A 107 -6.00 5.42 20.21
C ASP A 107 -4.89 4.33 20.01
N PRO A 108 -3.58 4.65 20.24
CA PRO A 108 -2.53 3.65 19.97
C PRO A 108 -2.12 2.79 21.18
N THR A 109 -2.82 2.96 22.33
CA THR A 109 -2.60 2.24 23.61
C THR A 109 -2.39 0.71 23.48
N SER A 110 -3.16 0.05 22.60
CA SER A 110 -3.06 -1.40 22.39
C SER A 110 -2.00 -1.81 21.36
N GLU A 111 -1.28 -0.84 20.79
CA GLU A 111 -0.24 -1.22 19.83
C GLU A 111 1.07 -1.50 20.54
N ARG A 112 1.77 -2.57 20.11
CA ARG A 112 3.05 -3.07 20.67
C ARG A 112 4.14 -2.01 20.76
N TRP A 113 4.26 -1.17 19.71
CA TRP A 113 5.25 -0.08 19.61
C TRP A 113 4.96 1.12 20.48
N PHE A 114 3.72 1.30 20.94
CA PHE A 114 3.35 2.47 21.70
C PHE A 114 3.69 2.40 23.20
N HIS A 115 4.55 3.33 23.64
CA HIS A 115 5.03 3.42 25.02
C HIS A 115 4.38 4.54 25.85
N GLY A 116 3.78 5.51 25.17
CA GLY A 116 3.14 6.66 25.81
C GLY A 116 4.17 7.56 26.44
N HIS A 117 4.12 7.69 27.78
CA HIS A 117 5.09 8.49 28.53
C HIS A 117 6.42 7.76 28.58
N LEU A 118 7.46 8.42 28.08
CA LEU A 118 8.86 7.97 27.98
C LEU A 118 9.70 9.14 27.44
N SER A 119 10.95 9.26 27.92
CA SER A 119 11.90 10.29 27.46
C SER A 119 12.83 9.74 26.36
N GLY A 120 13.60 10.61 25.75
CA GLY A 120 14.54 10.26 24.69
C GLY A 120 15.63 9.30 25.11
N LYS A 121 16.24 9.59 26.29
CA LYS A 121 17.33 8.84 26.93
C LYS A 121 16.88 7.42 27.28
N GLU A 122 15.68 7.29 27.90
CA GLU A 122 15.08 6.01 28.30
C GLU A 122 14.79 5.14 27.06
N ALA A 123 14.24 5.77 25.99
CA ALA A 123 13.97 5.13 24.70
C ALA A 123 15.26 4.72 24.02
N GLU A 124 16.34 5.55 24.14
CA GLU A 124 17.66 5.30 23.58
C GLU A 124 18.28 4.09 24.27
N LYS A 125 18.27 4.09 25.62
CA LYS A 125 18.79 3.02 26.48
C LYS A 125 18.01 1.71 26.27
N LEU A 126 16.67 1.78 26.14
CA LEU A 126 15.81 0.61 25.91
C LEU A 126 16.13 -0.03 24.57
N LEU A 127 16.22 0.79 23.51
CA LEU A 127 16.55 0.35 22.15
C LEU A 127 17.98 -0.16 22.05
N THR A 128 18.82 0.10 23.08
CA THR A 128 20.21 -0.35 23.15
C THR A 128 20.31 -1.60 24.02
N HIS A 133 18.19 -3.81 15.53
CA HIS A 133 18.10 -3.20 14.20
C HIS A 133 16.69 -3.35 13.63
N GLY A 134 16.08 -2.22 13.28
CA GLY A 134 14.73 -2.16 12.77
C GLY A 134 13.72 -2.02 13.90
N SER A 135 14.21 -2.15 15.14
CA SER A 135 13.45 -2.02 16.38
C SER A 135 13.01 -0.57 16.55
N PHE A 136 11.71 -0.37 16.77
CA PHE A 136 11.12 0.96 16.86
C PHE A 136 10.12 1.10 18.00
N LEU A 137 9.68 2.34 18.23
CA LEU A 137 8.70 2.75 19.23
C LEU A 137 8.22 4.15 18.89
N VAL A 138 7.04 4.50 19.41
CA VAL A 138 6.43 5.83 19.30
C VAL A 138 6.14 6.20 20.76
N ARG A 139 6.72 7.31 21.21
CA ARG A 139 6.59 7.87 22.56
C ARG A 139 5.95 9.25 22.52
N GLU A 140 5.68 9.86 23.71
CA GLU A 140 5.06 11.18 23.85
C GLU A 140 6.09 12.22 24.28
N PRO A 145 4.60 19.07 22.94
CA PRO A 145 3.29 18.97 23.61
C PRO A 145 2.19 18.55 22.63
N GLY A 146 1.69 17.32 22.83
CA GLY A 146 0.70 16.69 21.96
C GLY A 146 1.35 15.96 20.80
N ASP A 147 2.64 16.24 20.57
CA ASP A 147 3.53 15.67 19.56
C ASP A 147 4.07 14.30 20.00
N PHE A 148 4.50 13.47 19.04
CA PHE A 148 5.01 12.13 19.30
C PHE A 148 6.43 11.96 18.73
N VAL A 149 7.17 10.89 19.14
CA VAL A 149 8.55 10.67 18.70
C VAL A 149 8.82 9.21 18.24
N LEU A 150 9.14 9.01 16.95
CA LEU A 150 9.49 7.69 16.40
C LEU A 150 10.99 7.39 16.59
N SER A 151 11.31 6.57 17.58
CA SER A 151 12.68 6.17 17.87
C SER A 151 12.97 4.84 17.19
N VAL A 152 14.00 4.79 16.31
CA VAL A 152 14.36 3.62 15.50
C VAL A 152 15.85 3.27 15.63
N ARG A 153 16.16 1.97 15.77
CA ARG A 153 17.52 1.48 15.81
C ARG A 153 17.97 1.00 14.44
N THR A 154 19.21 1.34 14.06
CA THR A 154 19.87 0.96 12.80
C THR A 154 21.29 0.45 13.10
N GLY A 155 21.69 -0.61 12.42
CA GLY A 155 23.02 -1.19 12.62
C GLY A 155 23.30 -2.46 11.86
N ASP A 156 24.24 -3.28 12.40
CA ASP A 156 24.68 -4.55 11.83
C ASP A 156 24.47 -5.69 12.80
N SER A 166 26.28 0.88 15.50
CA SER A 166 24.82 1.04 15.44
C SER A 166 24.36 2.37 16.07
N LYS A 167 23.14 2.85 15.67
CA LYS A 167 22.58 4.13 16.13
C LYS A 167 21.04 4.13 16.36
N VAL A 168 20.56 5.12 17.15
CA VAL A 168 19.15 5.35 17.49
C VAL A 168 18.70 6.70 16.88
N THR A 169 17.83 6.65 15.84
CA THR A 169 17.30 7.85 15.16
C THR A 169 15.92 8.23 15.71
N HIS A 170 15.76 9.51 16.09
CA HIS A 170 14.51 10.07 16.63
C HIS A 170 13.87 10.98 15.61
N VAL A 171 12.66 10.63 15.17
CA VAL A 171 11.86 11.35 14.19
C VAL A 171 10.64 11.95 14.92
N MET A 172 10.47 13.27 14.83
CA MET A 172 9.34 13.95 15.45
C MET A 172 8.07 13.76 14.63
N ILE A 173 6.93 13.62 15.32
CA ILE A 173 5.61 13.46 14.72
C ILE A 173 4.75 14.61 15.20
N ARG A 174 4.47 15.55 14.31
CA ARG A 174 3.61 16.70 14.68
C ARG A 174 2.14 16.31 14.61
N CYS A 175 1.37 16.76 15.60
CA CYS A 175 -0.06 16.53 15.64
C CYS A 175 -0.74 17.88 15.56
N GLN A 176 -1.37 18.16 14.40
CA GLN A 176 -2.09 19.41 14.16
C GLN A 176 -3.48 19.05 13.69
N GLU A 177 -4.49 19.58 14.40
CA GLU A 177 -5.92 19.37 14.17
C GLU A 177 -6.22 17.91 13.88
N LEU A 178 -5.90 17.06 14.88
CA LEU A 178 -6.14 15.63 15.01
C LEU A 178 -5.30 14.71 14.08
N LYS A 179 -4.73 15.22 12.96
CA LYS A 179 -3.91 14.40 12.06
C LYS A 179 -2.42 14.41 12.45
N TYR A 180 -1.65 13.37 12.03
CA TYR A 180 -0.23 13.19 12.36
C TYR A 180 0.67 13.19 11.14
N ASP A 181 1.90 13.75 11.25
CA ASP A 181 2.87 13.80 10.14
C ASP A 181 4.33 13.93 10.61
N VAL A 182 5.28 13.50 9.76
CA VAL A 182 6.73 13.57 10.06
C VAL A 182 7.39 14.92 9.61
N GLY A 183 6.57 15.96 9.41
CA GLY A 183 7.05 17.29 9.04
C GLY A 183 6.65 17.77 7.66
N GLY A 184 6.27 16.83 6.81
CA GLY A 184 5.82 17.06 5.45
C GLY A 184 5.17 15.84 4.82
N GLY A 185 4.54 16.06 3.68
CA GLY A 185 3.88 15.01 2.92
C GLY A 185 2.47 14.71 3.38
N GLU A 186 2.16 13.42 3.58
CA GLU A 186 0.84 12.95 4.00
C GLU A 186 0.59 13.11 5.51
N ARG A 187 -0.67 13.43 5.83
CA ARG A 187 -1.18 13.60 7.18
C ARG A 187 -2.12 12.42 7.46
N PHE A 188 -1.91 11.78 8.60
CA PHE A 188 -2.59 10.54 8.97
C PHE A 188 -3.65 10.69 10.06
N ASP A 189 -4.79 9.99 9.87
CA ASP A 189 -5.93 9.96 10.79
C ASP A 189 -5.58 9.44 12.19
N SER A 190 -4.54 8.58 12.27
CA SER A 190 -4.02 7.95 13.49
C SER A 190 -2.54 7.65 13.36
N LEU A 191 -1.86 7.45 14.52
CA LEU A 191 -0.45 7.07 14.58
C LEU A 191 -0.22 5.69 13.93
N THR A 192 -1.28 4.86 13.90
CA THR A 192 -1.33 3.51 13.31
C THR A 192 -1.11 3.58 11.79
N ASP A 193 -1.89 4.47 11.10
CA ASP A 193 -1.82 4.71 9.65
C ASP A 193 -0.41 5.22 9.28
N LEU A 194 0.18 6.09 10.14
CA LEU A 194 1.51 6.66 9.98
C LEU A 194 2.54 5.54 10.02
N VAL A 195 2.58 4.75 11.13
CA VAL A 195 3.52 3.65 11.34
C VAL A 195 3.47 2.62 10.20
N GLU A 196 2.25 2.20 9.80
CA GLU A 196 2.08 1.20 8.74
C GLU A 196 2.47 1.72 7.36
N HIS A 197 2.33 3.04 7.16
CA HIS A 197 2.75 3.69 5.93
C HIS A 197 4.29 3.72 5.87
N TYR A 198 4.94 3.92 7.03
CA TYR A 198 6.41 3.97 7.06
C TYR A 198 7.06 2.60 7.25
N LYS A 199 6.26 1.57 7.65
CA LYS A 199 6.69 0.18 7.74
C LYS A 199 6.88 -0.32 6.29
N LYS A 200 5.96 0.07 5.40
CA LYS A 200 5.95 -0.28 3.99
C LYS A 200 6.94 0.61 3.21
N ASN A 201 6.88 1.92 3.47
CA ASN A 201 7.71 2.91 2.78
C ASN A 201 8.69 3.55 3.80
N PRO A 202 9.89 2.94 4.02
CA PRO A 202 10.80 3.51 5.05
C PRO A 202 11.37 4.87 4.71
N MET A 203 11.64 5.67 5.76
CA MET A 203 12.25 7.00 5.67
C MET A 203 13.73 6.87 5.30
N VAL A 204 14.18 7.67 4.31
CA VAL A 204 15.56 7.68 3.82
C VAL A 204 16.28 8.88 4.43
N GLU A 205 17.33 8.63 5.22
CA GLU A 205 18.12 9.69 5.84
C GLU A 205 18.97 10.38 4.78
N THR A 206 19.32 11.67 5.02
CA THR A 206 20.08 12.52 4.10
C THR A 206 21.30 11.80 3.46
N LEU A 207 22.06 11.02 4.25
CA LEU A 207 23.24 10.30 3.77
C LEU A 207 22.99 8.81 3.42
N GLY A 208 21.75 8.47 3.07
CA GLY A 208 21.35 7.14 2.61
C GLY A 208 21.08 6.05 3.63
N THR A 209 20.64 6.44 4.84
CA THR A 209 20.34 5.44 5.87
C THR A 209 18.88 5.08 5.81
N VAL A 210 18.60 3.76 5.70
CA VAL A 210 17.23 3.26 5.60
C VAL A 210 16.72 3.01 7.00
N LEU A 211 15.74 3.83 7.41
CA LEU A 211 15.09 3.77 8.71
C LEU A 211 13.94 2.78 8.62
N GLN A 212 14.30 1.48 8.56
CA GLN A 212 13.39 0.33 8.46
C GLN A 212 12.51 0.22 9.69
N LEU A 213 11.22 0.00 9.47
CA LEU A 213 10.32 -0.24 10.60
C LEU A 213 10.00 -1.73 10.58
N LYS A 214 10.87 -2.49 11.25
CA LYS A 214 10.79 -3.94 11.26
C LYS A 214 9.98 -4.54 12.43
N GLN A 215 10.39 -4.30 13.69
CA GLN A 215 9.75 -4.92 14.86
C GLN A 215 9.70 -4.01 16.13
N PRO A 216 8.62 -4.06 16.95
CA PRO A 216 8.59 -3.19 18.15
C PRO A 216 9.29 -3.79 19.36
N ASN A 218 11.47 -5.31 22.68
CA ASN A 218 10.54 -6.18 23.38
C ASN A 218 10.42 -5.80 24.88
N THR A 219 9.24 -5.29 25.30
CA THR A 219 8.96 -4.82 26.66
C THR A 219 8.24 -5.86 27.56
N THR A 220 8.28 -7.17 27.21
CA THR A 220 7.61 -8.18 28.06
C THR A 220 8.53 -9.36 28.44
N ARG A 221 9.66 -9.55 27.76
CA ARG A 221 10.60 -10.65 28.05
C ARG A 221 11.38 -10.41 29.35
N ILE A 222 10.72 -10.64 30.48
CA ILE A 222 11.30 -10.55 31.81
C ILE A 222 12.11 -11.83 32.13
N ASN A 223 13.16 -11.69 32.95
CA ASN A 223 13.94 -12.84 33.41
C ASN A 223 13.11 -13.46 34.52
N ALA A 224 13.17 -14.79 34.69
CA ALA A 224 12.41 -15.57 35.68
C ALA A 224 12.24 -14.90 37.03
N ALA A 225 13.36 -14.62 37.74
CA ALA A 225 13.43 -13.98 39.08
C ALA A 225 12.50 -14.66 40.11
N ILE A 227 9.71 -12.20 38.13
CA ILE A 227 8.26 -12.31 37.96
C ILE A 227 7.52 -11.47 39.02
N GLU A 228 7.96 -11.54 40.27
CA GLU A 228 7.37 -10.85 41.43
C GLU A 228 7.16 -9.35 41.20
N SER A 229 8.20 -8.68 40.68
CA SER A 229 8.22 -7.24 40.37
C SER A 229 7.25 -6.89 39.26
N ARG A 230 7.25 -7.72 38.19
CA ARG A 230 6.40 -7.59 37.00
C ARG A 230 4.92 -7.74 37.34
N VAL A 231 4.60 -8.69 38.23
CA VAL A 231 3.25 -8.94 38.69
C VAL A 231 2.74 -7.71 39.48
N ARG A 232 3.62 -7.10 40.30
CA ARG A 232 3.36 -5.89 41.08
C ARG A 232 3.06 -4.70 40.15
N GLU A 233 3.89 -4.48 39.12
CA GLU A 233 3.74 -3.42 38.11
C GLU A 233 2.47 -3.59 37.27
N LEU A 234 2.11 -4.84 36.90
CA LEU A 234 0.91 -5.14 36.10
C LEU A 234 -0.39 -5.17 36.94
N SER A 235 -0.29 -5.13 38.27
CA SER A 235 -1.41 -5.08 39.20
C SER A 235 -1.83 -3.62 39.44
N GLN A 246 -6.22 -1.82 34.91
CA GLN A 246 -5.04 -2.55 35.37
C GLN A 246 -3.99 -2.72 34.27
N GLY A 247 -2.75 -3.01 34.67
CA GLY A 247 -1.61 -3.23 33.78
C GLY A 247 -1.76 -4.51 32.99
N PHE A 248 -2.34 -5.57 33.62
CA PHE A 248 -2.64 -6.89 33.04
C PHE A 248 -3.64 -6.79 31.89
N TRP A 249 -4.74 -5.99 32.06
CA TRP A 249 -5.80 -5.78 31.05
C TRP A 249 -5.24 -5.05 29.83
N GLU A 250 -4.37 -4.04 30.08
CA GLU A 250 -3.65 -3.22 29.08
C GLU A 250 -2.79 -4.14 28.23
N GLU A 251 -1.98 -4.99 28.88
CA GLU A 251 -1.10 -5.94 28.19
C GLU A 251 -1.92 -7.05 27.49
N PHE A 252 -3.05 -7.46 28.10
CA PHE A 252 -3.91 -8.47 27.50
C PHE A 252 -4.51 -7.98 26.15
N GLU A 253 -5.07 -6.75 26.12
CA GLU A 253 -5.67 -6.19 24.89
C GLU A 253 -4.67 -5.88 23.77
N THR A 254 -3.39 -5.63 24.13
CA THR A 254 -2.27 -5.49 23.17
C THR A 254 -2.11 -6.85 22.43
N LEU A 255 -2.17 -7.96 23.17
CA LEU A 255 -2.14 -9.34 22.64
C LEU A 255 -3.35 -9.61 21.76
N GLN A 256 -4.53 -9.12 22.19
CA GLN A 256 -5.79 -9.28 21.45
C GLN A 256 -5.72 -8.55 20.11
N GLN A 257 -5.09 -7.37 20.08
CA GLN A 257 -4.88 -6.55 18.88
C GLN A 257 -3.97 -7.27 17.84
N GLN A 258 -3.32 -8.41 18.24
CA GLN A 258 -2.43 -9.21 17.40
C GLN A 258 -3.06 -10.48 16.81
N GLU A 259 -4.40 -10.65 16.97
CA GLU A 259 -5.23 -11.79 16.51
C GLU A 259 -5.19 -11.98 15.00
N CYS A 260 -5.41 -10.88 14.25
CA CYS A 260 -5.53 -10.89 12.78
C CYS A 260 -4.20 -10.94 12.05
N LYS A 261 -3.10 -10.83 12.78
CA LYS A 261 -1.74 -10.91 12.21
C LYS A 261 -1.42 -12.36 11.87
N LEU A 262 -2.06 -13.30 12.59
CA LEU A 262 -1.89 -14.75 12.46
C LEU A 262 -2.47 -15.33 11.17
N LEU A 263 -1.64 -16.10 10.48
CA LEU A 263 -1.96 -16.71 9.19
C LEU A 263 -2.48 -18.11 9.39
N TYR A 264 -3.77 -18.33 9.11
CA TYR A 264 -4.42 -19.64 9.26
C TYR A 264 -5.70 -19.77 8.43
N SER A 265 -6.02 -21.02 8.08
CA SER A 265 -7.22 -21.41 7.34
C SER A 265 -8.11 -22.27 8.25
N ARG A 266 -9.43 -22.27 8.02
CA ARG A 266 -10.36 -23.09 8.81
C ARG A 266 -11.29 -23.93 7.93
N LYS A 267 -10.83 -24.22 6.71
CA LYS A 267 -11.52 -24.93 5.63
C LYS A 267 -12.09 -26.32 6.00
N GLU A 268 -11.25 -27.30 6.37
CA GLU A 268 -11.69 -28.69 6.65
C GLU A 268 -12.82 -28.79 7.69
N GLY A 269 -12.80 -27.93 8.71
CA GLY A 269 -13.81 -27.88 9.77
C GLY A 269 -15.15 -27.31 9.34
N GLN A 270 -15.13 -26.51 8.24
CA GLN A 270 -16.27 -25.84 7.60
C GLN A 270 -16.98 -26.76 6.58
N ARG A 271 -16.42 -27.98 6.35
CA ARG A 271 -16.98 -28.98 5.45
C ARG A 271 -18.26 -29.61 5.98
N GLN A 272 -19.15 -29.99 5.05
CA GLN A 272 -20.46 -30.60 5.29
C GLN A 272 -20.40 -31.83 6.15
N GLU A 273 -19.52 -32.77 5.75
CA GLU A 273 -19.28 -34.05 6.42
C GLU A 273 -18.68 -33.87 7.83
N ASN A 274 -18.09 -32.66 8.15
CA ASN A 274 -17.43 -32.36 9.43
C ASN A 274 -18.19 -31.41 10.40
N LYS A 275 -19.31 -30.76 9.99
CA LYS A 275 -20.09 -29.85 10.88
C LYS A 275 -20.60 -30.51 12.18
N ASN A 276 -21.12 -31.76 12.09
CA ASN A 276 -21.68 -32.59 13.19
C ASN A 276 -20.61 -32.96 14.24
N LYS A 277 -19.35 -32.96 13.79
CA LYS A 277 -18.14 -33.29 14.54
C LYS A 277 -17.61 -32.11 15.36
N ASN A 278 -18.22 -30.94 15.16
CA ASN A 278 -17.88 -29.74 15.90
C ASN A 278 -18.90 -29.49 16.99
N ARG A 279 -18.42 -29.29 18.24
CA ARG A 279 -19.25 -29.04 19.39
C ARG A 279 -19.87 -27.60 19.32
N TYR A 280 -19.12 -26.66 18.74
CA TYR A 280 -19.49 -25.26 18.45
C TYR A 280 -19.12 -25.06 16.98
N LYS A 281 -20.12 -24.80 16.10
CA LYS A 281 -19.91 -24.70 14.64
C LYS A 281 -18.83 -23.68 14.22
N ASN A 282 -18.70 -22.56 14.93
CA ASN A 282 -17.73 -21.51 14.61
C ASN A 282 -16.37 -21.72 15.22
N ILE A 283 -16.24 -22.61 16.22
CA ILE A 283 -14.94 -22.82 16.86
C ILE A 283 -14.30 -24.03 16.20
N LEU A 284 -13.35 -23.75 15.30
CA LEU A 284 -12.75 -24.75 14.44
C LEU A 284 -11.24 -24.85 14.53
N PRO A 285 -10.68 -26.03 14.20
CA PRO A 285 -9.22 -26.17 14.24
C PRO A 285 -8.48 -25.55 13.05
N SER A 286 -7.22 -25.11 13.27
CA SER A 286 -6.36 -24.58 12.22
C SER A 286 -5.93 -25.74 11.34
N ASP A 287 -6.04 -25.57 10.02
CA ASP A 287 -5.78 -26.63 9.06
C ASP A 287 -4.30 -27.06 8.97
N HIS A 288 -3.36 -26.17 9.27
CA HIS A 288 -1.95 -26.52 9.17
C HIS A 288 -1.45 -27.41 10.33
N THR A 289 -2.10 -27.37 11.50
CA THR A 289 -1.70 -28.14 12.70
C THR A 289 -2.79 -29.17 13.13
N ARG A 290 -3.89 -29.31 12.35
CA ARG A 290 -4.99 -30.23 12.74
C ARG A 290 -4.57 -31.71 12.74
N VAL A 291 -5.24 -32.51 13.58
CA VAL A 291 -4.95 -33.94 13.60
C VAL A 291 -5.71 -34.62 12.47
N VAL A 292 -4.97 -35.29 11.60
CA VAL A 292 -5.52 -36.02 10.46
C VAL A 292 -5.49 -37.48 10.86
N LEU A 293 -6.68 -38.10 10.90
CA LEU A 293 -6.84 -39.50 11.28
C LEU A 293 -6.73 -40.43 10.07
N HIS A 294 -5.80 -41.41 10.12
CA HIS A 294 -5.51 -42.34 9.01
C HIS A 294 -6.14 -43.72 9.16
N SER A 303 -13.84 -39.08 7.07
CA SER A 303 -13.24 -40.07 8.00
C SER A 303 -12.00 -39.56 8.79
N ASP A 304 -11.22 -38.63 8.20
CA ASP A 304 -9.94 -38.10 8.73
C ASP A 304 -10.04 -36.91 9.72
N TYR A 305 -11.27 -36.44 10.04
CA TYR A 305 -11.47 -35.23 10.85
C TYR A 305 -11.73 -35.39 12.33
N ILE A 306 -11.10 -34.49 13.11
CA ILE A 306 -11.31 -34.27 14.54
C ILE A 306 -11.09 -32.77 14.84
N ASN A 307 -11.89 -32.19 15.75
CA ASN A 307 -11.65 -30.81 16.13
C ASN A 307 -10.49 -30.83 17.17
N ALA A 308 -9.29 -31.01 16.66
CA ALA A 308 -8.08 -31.04 17.46
C ALA A 308 -6.89 -30.47 16.67
N ASN A 309 -5.94 -29.82 17.38
CA ASN A 309 -4.66 -29.34 16.84
C ASN A 309 -3.50 -29.80 17.69
N ILE A 310 -2.38 -30.16 17.05
CA ILE A 310 -1.08 -30.45 17.66
C ILE A 310 -0.51 -29.08 18.05
N ILE A 311 -0.01 -28.92 19.30
CA ILE A 311 0.68 -27.71 19.81
C ILE A 311 2.14 -28.12 20.05
N MET A 312 3.05 -27.54 19.29
CA MET A 312 4.48 -27.81 19.46
C MET A 312 5.20 -26.52 19.87
N PRO A 313 5.78 -26.45 21.11
CA PRO A 313 6.51 -25.22 21.52
C PRO A 313 7.75 -24.96 20.65
N LYS A 326 8.13 -31.81 24.79
CA LYS A 326 6.71 -32.07 25.10
C LYS A 326 5.75 -31.36 24.13
N SER A 327 4.91 -32.15 23.45
CA SER A 327 3.87 -31.68 22.53
C SER A 327 2.51 -31.82 23.19
N TYR A 328 1.52 -31.07 22.74
CA TYR A 328 0.16 -31.20 23.28
C TYR A 328 -0.84 -31.31 22.13
N ILE A 329 -1.98 -31.94 22.36
CA ILE A 329 -3.06 -31.92 21.38
C ILE A 329 -4.15 -31.14 22.10
N ALA A 330 -4.58 -30.03 21.54
CA ALA A 330 -5.65 -29.20 22.10
C ALA A 330 -6.91 -29.67 21.40
N THR A 331 -7.88 -30.06 22.16
CA THR A 331 -9.11 -30.55 21.61
C THR A 331 -10.33 -30.10 22.42
N GLN A 332 -11.51 -30.25 21.82
CA GLN A 332 -12.78 -29.93 22.45
C GLN A 332 -13.22 -31.17 23.24
N GLY A 333 -14.19 -30.97 24.14
CA GLY A 333 -14.82 -32.07 24.85
C GLY A 333 -15.55 -32.94 23.85
N CYS A 334 -15.37 -34.26 23.98
CA CYS A 334 -15.96 -35.35 23.20
C CYS A 334 -17.47 -35.15 23.02
N LEU A 335 -18.01 -35.45 21.83
CA LEU A 335 -19.45 -35.49 21.60
C LEU A 335 -19.69 -36.96 21.47
N GLN A 336 -20.96 -37.41 21.54
CA GLN A 336 -21.37 -38.81 21.45
C GLN A 336 -20.87 -39.40 20.10
N ASN A 337 -21.02 -38.63 19.01
CA ASN A 337 -20.60 -39.00 17.66
C ASN A 337 -19.09 -38.76 17.35
N THR A 338 -18.29 -38.31 18.34
CA THR A 338 -16.85 -38.09 18.15
C THR A 338 -15.97 -38.90 19.15
N VAL A 339 -16.61 -39.77 19.99
CA VAL A 339 -15.93 -40.61 21.00
C VAL A 339 -14.93 -41.58 20.35
N ASN A 340 -15.31 -42.22 19.23
CA ASN A 340 -14.48 -43.18 18.52
C ASN A 340 -13.30 -42.54 17.84
N ASP A 341 -13.52 -41.36 17.23
CA ASP A 341 -12.50 -40.54 16.58
C ASP A 341 -11.49 -40.04 17.66
N PHE A 342 -11.95 -39.72 18.90
CA PHE A 342 -11.03 -39.29 19.99
C PHE A 342 -10.03 -40.42 20.33
N TRP A 343 -10.48 -41.71 20.48
CA TRP A 343 -9.64 -42.91 20.76
C TRP A 343 -8.73 -43.33 19.58
N ARG A 344 -9.19 -43.05 18.34
CA ARG A 344 -8.44 -43.24 17.11
C ARG A 344 -7.25 -42.24 17.11
N MET A 345 -7.49 -41.03 17.63
CA MET A 345 -6.44 -40.02 17.73
C MET A 345 -5.39 -40.34 18.78
N VAL A 346 -5.82 -40.71 19.98
CA VAL A 346 -4.91 -41.06 21.09
C VAL A 346 -3.96 -42.19 20.68
N PHE A 347 -4.53 -43.23 20.03
CA PHE A 347 -3.81 -44.43 19.59
C PHE A 347 -2.79 -44.10 18.52
N GLN A 348 -3.24 -43.45 17.43
CA GLN A 348 -2.42 -43.03 16.30
C GLN A 348 -1.23 -42.14 16.74
N GLU A 349 -1.51 -41.20 17.64
CA GLU A 349 -0.55 -40.22 18.13
C GLU A 349 0.38 -40.75 19.21
N ASN A 350 0.06 -41.92 19.75
CA ASN A 350 0.84 -42.58 20.77
C ASN A 350 0.90 -41.78 22.09
N SER A 351 -0.13 -40.95 22.32
CA SER A 351 -0.42 -40.19 23.55
C SER A 351 -0.71 -41.18 24.69
N ARG A 352 -0.10 -40.92 25.85
CA ARG A 352 -0.21 -41.75 27.04
C ARG A 352 -0.76 -40.94 28.22
N VAL A 353 -1.09 -39.67 27.97
CA VAL A 353 -1.57 -38.77 29.01
C VAL A 353 -2.66 -37.90 28.44
N ILE A 354 -3.83 -37.88 29.12
CA ILE A 354 -4.95 -37.01 28.77
C ILE A 354 -5.19 -36.08 29.98
N VAL A 355 -5.40 -34.81 29.70
CA VAL A 355 -5.68 -33.78 30.69
C VAL A 355 -7.07 -33.28 30.38
N MET A 356 -8.01 -33.66 31.26
CA MET A 356 -9.39 -33.21 31.18
C MET A 356 -9.54 -32.06 32.20
N THR A 357 -9.83 -30.88 31.73
CA THR A 357 -9.87 -29.70 32.61
C THR A 357 -11.30 -29.21 32.85
N THR A 358 -12.26 -30.06 32.58
CA THR A 358 -13.67 -29.76 32.73
C THR A 358 -14.41 -30.93 33.38
N LYS A 359 -15.57 -30.62 33.97
CA LYS A 359 -16.53 -31.61 34.42
C LYS A 359 -17.35 -31.99 33.18
N GLU A 360 -17.94 -33.17 33.18
CA GLU A 360 -18.77 -33.66 32.07
C GLU A 360 -19.98 -32.72 31.86
N VAL A 361 -20.51 -32.17 32.98
CA VAL A 361 -21.65 -31.26 33.03
C VAL A 361 -21.30 -30.11 33.96
N GLU A 362 -21.57 -28.87 33.50
CA GLU A 362 -21.38 -27.64 34.24
C GLU A 362 -22.56 -26.76 33.99
N ARG A 363 -23.17 -26.24 35.07
CA ARG A 363 -24.37 -25.38 35.02
C ARG A 363 -25.50 -25.98 34.11
N GLY A 364 -25.72 -27.29 34.26
CA GLY A 364 -26.74 -28.07 33.57
C GLY A 364 -26.54 -28.36 32.09
N LYS A 365 -25.42 -27.88 31.51
CA LYS A 365 -25.07 -28.08 30.09
C LYS A 365 -23.91 -29.08 30.01
N SER A 366 -23.97 -30.01 29.06
CA SER A 366 -22.92 -31.00 28.87
C SER A 366 -21.69 -30.40 28.17
N LYS A 367 -20.52 -30.56 28.79
CA LYS A 367 -19.24 -30.01 28.27
C LYS A 367 -18.39 -31.08 27.58
N CYS A 368 -18.57 -32.34 27.96
CA CYS A 368 -17.82 -33.45 27.40
C CYS A 368 -18.59 -34.70 27.75
N VAL A 369 -18.72 -35.63 26.80
CA VAL A 369 -19.37 -36.92 27.09
C VAL A 369 -18.35 -37.88 27.67
N LYS A 370 -18.80 -38.84 28.50
CA LYS A 370 -17.98 -39.87 29.11
C LYS A 370 -17.45 -40.81 28.00
N TYR A 371 -16.17 -40.61 27.62
CA TYR A 371 -15.51 -41.43 26.60
C TYR A 371 -14.68 -42.54 27.24
N TRP A 372 -14.65 -42.62 28.58
CA TRP A 372 -13.90 -43.62 29.32
C TRP A 372 -14.84 -44.58 30.04
N PRO A 373 -14.50 -45.88 30.21
CA PRO A 373 -15.41 -46.77 30.92
C PRO A 373 -15.45 -46.47 32.42
N ASP A 374 -16.35 -47.15 33.16
CA ASP A 374 -16.43 -47.09 34.62
C ASP A 374 -15.23 -47.87 35.11
N GLU A 375 -14.82 -47.65 36.37
CA GLU A 375 -13.67 -48.35 36.96
C GLU A 375 -13.89 -49.87 36.89
N TYR A 376 -12.84 -50.62 36.48
CA TYR A 376 -12.78 -52.09 36.32
C TYR A 376 -13.50 -52.59 35.06
N ALA A 377 -14.35 -51.74 34.46
CA ALA A 377 -15.08 -52.06 33.26
C ALA A 377 -14.19 -52.01 32.01
N LEU A 378 -14.66 -52.67 30.95
CA LEU A 378 -13.99 -52.69 29.68
C LEU A 378 -15.05 -52.38 28.63
N LYS A 379 -14.72 -51.40 27.76
CA LYS A 379 -15.59 -50.95 26.69
C LYS A 379 -14.88 -50.93 25.32
N GLU A 380 -15.62 -51.31 24.27
CA GLU A 380 -15.17 -51.22 22.89
C GLU A 380 -15.76 -49.90 22.37
N TYR A 381 -14.89 -49.06 21.78
CA TYR A 381 -15.17 -47.76 21.17
C TYR A 381 -14.77 -47.84 19.71
N GLY A 382 -15.60 -48.49 18.90
CA GLY A 382 -15.32 -48.72 17.49
C GLY A 382 -14.33 -49.86 17.36
N VAL A 383 -13.14 -49.59 16.80
CA VAL A 383 -12.06 -50.55 16.62
C VAL A 383 -11.10 -50.49 17.84
N MET A 384 -11.35 -49.52 18.74
CA MET A 384 -10.53 -49.33 19.93
C MET A 384 -11.19 -49.99 21.10
N ARG A 385 -10.39 -50.54 22.00
CA ARG A 385 -10.88 -51.15 23.21
C ARG A 385 -10.18 -50.42 24.35
N VAL A 386 -10.96 -49.97 25.34
CA VAL A 386 -10.49 -49.25 26.51
C VAL A 386 -10.92 -49.99 27.80
N ARG A 387 -9.97 -50.21 28.71
CA ARG A 387 -10.19 -50.75 30.04
C ARG A 387 -9.91 -49.63 31.05
N ASN A 388 -10.76 -49.48 32.06
CA ASN A 388 -10.51 -48.57 33.17
C ASN A 388 -9.95 -49.48 34.25
N VAL A 389 -8.65 -49.37 34.49
CA VAL A 389 -7.97 -50.24 35.46
C VAL A 389 -8.25 -49.77 36.89
N LYS A 390 -7.80 -48.58 37.28
CA LYS A 390 -8.05 -48.05 38.62
C LYS A 390 -8.27 -46.55 38.63
N GLU A 391 -9.15 -46.05 39.51
CA GLU A 391 -9.42 -44.62 39.70
C GLU A 391 -8.82 -44.18 41.04
N SER A 392 -8.10 -43.06 41.04
CA SER A 392 -7.46 -42.52 42.25
C SER A 392 -7.83 -41.04 42.45
N ALA A 393 -8.64 -40.80 43.48
CA ALA A 393 -9.08 -39.45 43.82
C ALA A 393 -8.08 -38.69 44.66
N ALA A 394 -7.83 -37.44 44.28
CA ALA A 394 -7.02 -36.45 44.98
C ALA A 394 -8.00 -35.29 45.25
N HIS A 395 -7.59 -34.21 45.94
CA HIS A 395 -8.50 -33.10 46.25
C HIS A 395 -9.06 -32.42 45.00
N ASP A 396 -8.16 -31.92 44.13
CA ASP A 396 -8.52 -31.16 42.92
C ASP A 396 -8.90 -32.00 41.70
N TYR A 397 -8.41 -33.25 41.64
CA TYR A 397 -8.58 -34.12 40.50
C TYR A 397 -8.74 -35.62 40.79
N THR A 398 -9.19 -36.36 39.75
CA THR A 398 -9.22 -37.82 39.68
C THR A 398 -8.18 -38.25 38.63
N LEU A 399 -7.56 -39.39 38.85
CA LEU A 399 -6.64 -39.98 37.92
C LEU A 399 -7.17 -41.37 37.54
N ARG A 400 -7.39 -41.61 36.22
CA ARG A 400 -7.87 -42.89 35.71
C ARG A 400 -6.78 -43.60 34.93
N GLU A 401 -6.46 -44.83 35.33
CA GLU A 401 -5.49 -45.64 34.62
C GLU A 401 -6.26 -46.39 33.54
N LEU A 402 -6.10 -45.94 32.28
CA LEU A 402 -6.80 -46.55 31.17
C LEU A 402 -5.86 -47.39 30.35
N LYS A 403 -6.40 -48.38 29.67
CA LYS A 403 -5.61 -49.31 28.87
C LYS A 403 -6.26 -49.38 27.51
N LEU A 404 -5.52 -49.00 26.47
CA LEU A 404 -5.99 -48.87 25.09
C LEU A 404 -5.28 -49.85 24.15
N SER A 405 -6.06 -50.51 23.29
CA SER A 405 -5.62 -51.50 22.33
C SER A 405 -6.60 -51.50 21.17
N LYS A 406 -6.13 -51.94 20.02
CA LYS A 406 -6.95 -52.10 18.84
C LYS A 406 -7.58 -53.49 18.95
N VAL A 407 -8.89 -53.56 18.68
CA VAL A 407 -9.69 -54.79 18.66
C VAL A 407 -9.04 -55.62 17.52
N GLY A 408 -8.61 -56.83 17.85
CA GLY A 408 -7.94 -57.72 16.88
C GLY A 408 -6.53 -58.09 17.25
N GLN A 409 -5.66 -57.06 17.51
CA GLN A 409 -4.24 -57.26 17.85
C GLN A 409 -3.91 -56.93 19.29
N GLY A 410 -3.52 -57.94 20.06
CA GLY A 410 -3.19 -57.84 21.48
C GLY A 410 -1.94 -57.03 21.81
N ASN A 411 -0.86 -57.20 21.01
CA ASN A 411 0.43 -56.52 21.23
C ASN A 411 0.40 -54.96 21.09
N THR A 412 -0.76 -54.39 20.70
CA THR A 412 -0.96 -52.94 20.50
C THR A 412 -1.32 -52.19 21.78
N GLU A 413 -1.33 -52.85 22.94
CA GLU A 413 -1.74 -52.24 24.19
C GLU A 413 -0.70 -51.28 24.83
N ARG A 414 -1.22 -50.24 25.53
CA ARG A 414 -0.45 -49.22 26.24
C ARG A 414 -1.34 -48.59 27.30
N THR A 415 -0.74 -48.08 28.38
CA THR A 415 -1.47 -47.37 29.42
C THR A 415 -1.69 -45.96 28.98
N VAL A 416 -2.87 -45.43 29.25
CA VAL A 416 -3.20 -44.03 28.97
C VAL A 416 -3.64 -43.48 30.30
N TRP A 417 -2.97 -42.43 30.76
CA TRP A 417 -3.30 -41.88 32.07
C TRP A 417 -4.13 -40.63 31.88
N GLN A 418 -5.32 -40.58 32.49
CA GLN A 418 -6.22 -39.43 32.35
C GLN A 418 -6.33 -38.76 33.67
N TYR A 419 -5.80 -37.56 33.73
CA TYR A 419 -5.80 -36.63 34.86
C TYR A 419 -6.97 -35.69 34.65
N HIS A 420 -8.03 -35.93 35.36
CA HIS A 420 -9.27 -35.20 35.26
C HIS A 420 -9.40 -34.15 36.39
N PHE A 421 -9.06 -32.89 36.08
CA PHE A 421 -9.18 -31.77 37.03
C PHE A 421 -10.67 -31.45 37.20
N ARG A 422 -11.16 -31.50 38.44
CA ARG A 422 -12.59 -31.30 38.74
C ARG A 422 -12.92 -30.01 39.52
N THR A 423 -11.91 -29.31 40.05
CA THR A 423 -12.19 -28.14 40.89
C THR A 423 -12.02 -26.79 40.19
N TRP A 424 -12.26 -26.74 38.87
CA TRP A 424 -12.18 -25.47 38.16
C TRP A 424 -13.55 -24.78 38.30
N PRO A 425 -13.59 -23.49 38.70
CA PRO A 425 -14.91 -22.80 38.83
C PRO A 425 -15.70 -22.73 37.51
N ASP A 426 -17.05 -22.68 37.58
CA ASP A 426 -17.89 -22.63 36.38
C ASP A 426 -17.58 -21.42 35.50
N HIS A 427 -17.24 -20.28 36.14
CA HIS A 427 -16.87 -18.97 35.56
C HIS A 427 -15.60 -18.45 36.20
N GLY A 428 -14.78 -17.78 35.40
CA GLY A 428 -13.52 -17.22 35.88
C GLY A 428 -12.42 -18.24 36.10
N VAL A 429 -11.57 -17.96 37.08
CA VAL A 429 -10.39 -18.79 37.38
C VAL A 429 -10.24 -19.07 38.88
N PRO A 430 -9.51 -20.15 39.28
CA PRO A 430 -9.26 -20.37 40.72
C PRO A 430 -8.57 -19.18 41.40
N SER A 431 -8.92 -18.95 42.67
CA SER A 431 -8.35 -17.89 43.51
C SER A 431 -6.85 -18.12 43.79
N ASP A 432 -6.44 -19.39 43.93
CA ASP A 432 -5.04 -19.78 44.13
C ASP A 432 -4.62 -20.78 43.02
N PRO A 433 -3.41 -20.63 42.41
CA PRO A 433 -2.99 -21.58 41.37
C PRO A 433 -2.24 -22.82 41.88
N GLY A 434 -2.11 -22.96 43.21
CA GLY A 434 -1.41 -24.04 43.89
C GLY A 434 -1.81 -25.40 43.39
N GLY A 435 -3.11 -25.68 43.45
CA GLY A 435 -3.77 -26.91 43.03
C GLY A 435 -3.54 -27.25 41.57
N VAL A 436 -3.65 -26.26 40.68
CA VAL A 436 -3.39 -26.40 39.22
C VAL A 436 -1.91 -26.77 38.99
N LEU A 437 -1.01 -26.12 39.75
CA LEU A 437 0.44 -26.33 39.77
C LEU A 437 0.84 -27.69 40.34
N ASP A 438 0.05 -28.28 41.27
CA ASP A 438 0.34 -29.62 41.78
C ASP A 438 -0.04 -30.64 40.67
N PHE A 439 -1.22 -30.43 40.08
CA PHE A 439 -1.82 -31.22 38.97
C PHE A 439 -0.83 -31.33 37.78
N LEU A 440 -0.40 -30.16 37.23
CA LEU A 440 0.51 -30.08 36.09
C LEU A 440 1.89 -30.75 36.38
N GLU A 441 2.37 -30.62 37.65
CA GLU A 441 3.62 -31.23 38.10
C GLU A 441 3.54 -32.74 37.97
N GLU A 442 2.41 -33.37 38.47
CA GLU A 442 2.11 -34.80 38.38
C GLU A 442 2.02 -35.29 36.92
N VAL A 443 1.28 -34.55 36.09
CA VAL A 443 1.08 -34.79 34.66
C VAL A 443 2.44 -34.81 33.94
N HIS A 444 3.31 -33.80 34.25
CA HIS A 444 4.64 -33.67 33.65
C HIS A 444 5.53 -34.89 33.98
N HIS A 445 5.58 -35.31 35.25
CA HIS A 445 6.39 -36.47 35.63
C HIS A 445 5.85 -37.78 35.07
N LYS A 446 4.51 -37.95 35.01
CA LYS A 446 3.91 -39.12 34.35
C LYS A 446 4.25 -39.14 32.85
N GLN A 447 4.24 -37.98 32.15
CA GLN A 447 4.62 -37.90 30.73
C GLN A 447 6.14 -38.21 30.53
N GLU A 448 7.03 -37.60 31.36
CA GLU A 448 8.46 -37.84 31.30
C GLU A 448 8.89 -39.28 31.66
N SER A 449 8.01 -40.08 32.32
CA SER A 449 8.29 -41.46 32.73
C SER A 449 8.03 -42.49 31.65
N ILE A 450 7.50 -42.05 30.50
CA ILE A 450 7.12 -42.93 29.40
C ILE A 450 7.96 -42.66 28.14
N MET A 451 8.76 -43.66 27.77
CA MET A 451 9.64 -43.64 26.60
C MET A 451 8.76 -43.66 25.34
N ASP A 452 9.14 -42.87 24.32
CA ASP A 452 8.50 -42.71 23.00
C ASP A 452 7.05 -42.13 23.05
N ALA A 453 6.57 -41.66 24.24
CA ALA A 453 5.24 -41.07 24.46
C ALA A 453 4.94 -39.94 23.46
N GLY A 454 3.72 -39.92 22.97
CA GLY A 454 3.24 -38.90 22.05
C GLY A 454 2.78 -37.62 22.72
N PRO A 455 2.11 -36.72 21.97
CA PRO A 455 1.65 -35.44 22.58
C PRO A 455 0.70 -35.60 23.75
N VAL A 456 0.72 -34.67 24.67
CA VAL A 456 -0.20 -34.72 25.81
C VAL A 456 -1.51 -34.18 25.31
N VAL A 457 -2.55 -35.02 25.35
CA VAL A 457 -3.88 -34.60 24.94
C VAL A 457 -4.52 -33.71 26.03
N VAL A 458 -4.97 -32.51 25.63
CA VAL A 458 -5.57 -31.53 26.57
C VAL A 458 -6.91 -31.11 26.02
N HIS A 459 -7.99 -31.35 26.77
CA HIS A 459 -9.32 -30.90 26.34
C HIS A 459 -10.16 -30.28 27.45
N CYS A 460 -11.00 -29.32 27.08
CA CYS A 460 -11.99 -28.72 27.97
C CYS A 460 -13.37 -28.88 27.28
N SER A 461 -14.05 -27.81 26.94
CA SER A 461 -15.35 -27.79 26.26
C SER A 461 -15.09 -27.48 24.77
N ALA A 462 -14.53 -26.29 24.49
CA ALA A 462 -14.20 -25.78 23.15
C ALA A 462 -12.73 -26.05 22.78
N GLY A 463 -11.92 -26.32 23.79
CA GLY A 463 -10.50 -26.61 23.60
C GLY A 463 -9.64 -25.40 23.31
N ILE A 464 -10.09 -24.25 23.79
CA ILE A 464 -9.36 -23.00 23.58
C ILE A 464 -9.12 -22.21 24.89
N GLY A 465 -10.11 -22.11 25.79
CA GLY A 465 -9.99 -21.29 27.00
C GLY A 465 -9.14 -21.85 28.13
N ARG A 466 -9.66 -22.89 28.79
CA ARG A 466 -9.00 -23.62 29.86
C ARG A 466 -7.83 -24.41 29.31
N THR A 467 -8.04 -25.08 28.17
CA THR A 467 -7.04 -25.87 27.46
C THR A 467 -5.79 -25.01 27.20
N GLY A 468 -6.04 -23.76 26.78
CA GLY A 468 -5.02 -22.76 26.46
C GLY A 468 -4.30 -22.27 27.69
N THR A 469 -5.02 -22.04 28.78
CA THR A 469 -4.42 -21.59 30.01
C THR A 469 -3.49 -22.68 30.60
N PHE A 470 -3.91 -23.95 30.54
CA PHE A 470 -3.18 -25.15 31.03
C PHE A 470 -1.92 -25.40 30.20
N ILE A 471 -2.01 -25.39 28.85
CA ILE A 471 -0.83 -25.59 27.96
C ILE A 471 0.21 -24.43 28.13
N VAL A 472 -0.26 -23.15 28.20
CA VAL A 472 0.65 -22.01 28.37
C VAL A 472 1.38 -22.13 29.74
N ILE A 473 0.65 -22.36 30.84
CA ILE A 473 1.30 -22.47 32.15
C ILE A 473 2.30 -23.63 32.12
N ASP A 474 1.91 -24.76 31.45
CA ASP A 474 2.75 -25.95 31.33
C ASP A 474 4.00 -25.70 30.52
N ILE A 475 3.91 -24.90 29.45
CA ILE A 475 5.06 -24.57 28.61
C ILE A 475 6.08 -23.74 29.37
N LEU A 476 5.60 -22.68 30.05
CA LEU A 476 6.43 -21.75 30.79
C LEU A 476 7.14 -22.39 31.98
N ILE A 477 6.47 -23.28 32.72
CA ILE A 477 7.08 -24.00 33.86
C ILE A 477 8.06 -25.07 33.35
N ASP A 478 7.89 -25.51 32.08
CA ASP A 478 8.75 -26.49 31.41
C ASP A 478 10.14 -25.84 31.22
N ILE A 479 10.16 -24.55 30.88
CA ILE A 479 11.35 -23.70 30.71
C ILE A 479 12.07 -23.51 32.08
N ILE A 480 11.31 -23.13 33.11
CA ILE A 480 11.80 -22.88 34.47
C ILE A 480 12.33 -24.20 35.13
N ARG A 481 11.89 -25.38 34.64
CA ARG A 481 12.34 -26.72 35.09
C ARG A 481 13.70 -27.10 34.50
N GLU A 482 13.95 -26.71 33.24
CA GLU A 482 15.17 -27.01 32.48
C GLU A 482 16.27 -25.92 32.53
N LYS A 483 15.98 -24.71 33.09
CA LYS A 483 16.93 -23.58 33.15
C LYS A 483 17.05 -22.92 34.53
N GLY A 484 16.06 -23.17 35.39
CA GLY A 484 16.02 -22.62 36.74
C GLY A 484 15.50 -21.21 36.81
N VAL A 485 15.79 -20.53 37.93
CA VAL A 485 15.40 -19.15 38.22
C VAL A 485 16.15 -18.11 37.31
N ASP A 486 16.99 -18.60 36.37
CA ASP A 486 17.77 -17.79 35.42
C ASP A 486 17.46 -18.16 33.97
N CYS A 487 16.28 -17.72 33.50
CA CYS A 487 15.78 -17.93 32.13
C CYS A 487 14.89 -16.75 31.74
N ASP A 488 14.79 -16.44 30.45
CA ASP A 488 13.97 -15.35 29.96
C ASP A 488 12.63 -15.83 29.45
N ILE A 489 11.55 -15.42 30.14
CA ILE A 489 10.19 -15.80 29.76
C ILE A 489 9.39 -14.57 29.27
N ASP A 490 8.50 -14.83 28.31
CA ASP A 490 7.64 -13.87 27.65
C ASP A 490 6.27 -14.56 27.43
N VAL A 491 5.34 -14.33 28.40
CA VAL A 491 3.97 -14.87 28.44
C VAL A 491 3.18 -14.52 27.17
N PRO A 492 3.05 -13.22 26.77
CA PRO A 492 2.31 -12.93 25.54
C PRO A 492 2.92 -13.51 24.29
N LYS A 493 4.27 -13.68 24.27
CA LYS A 493 4.94 -14.22 23.10
C LYS A 493 4.59 -15.70 22.93
N THR A 494 4.49 -16.41 24.07
CA THR A 494 4.14 -17.82 24.19
C THR A 494 2.68 -18.02 23.77
N ILE A 495 1.77 -17.14 24.24
CA ILE A 495 0.35 -17.21 23.89
C ILE A 495 0.19 -17.04 22.37
N GLN A 496 0.75 -15.99 21.77
CA GLN A 496 0.70 -15.72 20.33
C GLN A 496 1.18 -16.92 19.47
N MET A 497 2.20 -17.62 19.93
CA MET A 497 2.82 -18.80 19.30
C MET A 497 1.83 -20.01 19.33
N VAL A 498 1.13 -20.18 20.46
CA VAL A 498 0.11 -21.20 20.65
C VAL A 498 -1.12 -20.85 19.79
N ARG A 499 -1.51 -19.55 19.79
CA ARG A 499 -2.61 -19.07 18.96
C ARG A 499 -2.33 -19.26 17.46
N SER A 500 -1.04 -19.28 17.06
CA SER A 500 -0.65 -19.53 15.67
C SER A 500 -0.97 -20.99 15.24
N GLN A 501 -1.20 -21.87 16.24
CA GLN A 501 -1.48 -23.29 16.04
C GLN A 501 -2.98 -23.65 16.24
N ARG A 502 -3.76 -22.83 16.98
CA ARG A 502 -5.20 -22.96 17.22
C ARG A 502 -5.67 -21.59 17.73
N SER A 503 -6.56 -20.94 16.97
CA SER A 503 -7.05 -19.62 17.31
C SER A 503 -7.89 -19.63 18.60
N GLY A 504 -7.83 -18.52 19.37
CA GLY A 504 -8.55 -18.38 20.63
C GLY A 504 -7.88 -18.97 21.86
N MET A 505 -6.69 -19.63 21.72
CA MET A 505 -6.00 -20.19 22.90
C MET A 505 -5.74 -19.13 23.94
N VAL A 506 -6.31 -19.30 25.14
CA VAL A 506 -6.33 -18.34 26.28
C VAL A 506 -7.44 -17.34 25.87
N GLN A 507 -8.60 -17.46 26.49
CA GLN A 507 -9.82 -16.72 26.15
C GLN A 507 -10.03 -15.35 26.80
N THR A 508 -9.78 -15.22 28.12
CA THR A 508 -10.05 -14.00 28.93
C THR A 508 -8.84 -13.38 29.60
N GLU A 509 -9.01 -12.14 30.14
CA GLU A 509 -7.96 -11.41 30.85
C GLU A 509 -7.66 -12.03 32.20
N ALA A 510 -8.69 -12.67 32.81
CA ALA A 510 -8.63 -13.33 34.12
C ALA A 510 -7.70 -14.55 34.07
N GLN A 511 -7.74 -15.29 32.97
CA GLN A 511 -6.92 -16.46 32.68
C GLN A 511 -5.50 -16.04 32.44
N TYR A 512 -5.35 -14.98 31.66
CA TYR A 512 -4.10 -14.32 31.29
C TYR A 512 -3.32 -13.96 32.56
N ARG A 513 -3.99 -13.27 33.49
CA ARG A 513 -3.46 -12.87 34.79
C ARG A 513 -3.15 -14.14 35.61
N PHE A 514 -4.03 -15.17 35.56
CA PHE A 514 -3.84 -16.43 36.29
C PHE A 514 -2.55 -17.15 35.86
N ILE A 515 -2.17 -17.07 34.56
CA ILE A 515 -0.93 -17.64 34.00
C ILE A 515 0.30 -16.96 34.65
N TYR A 516 0.24 -15.62 34.78
CA TYR A 516 1.29 -14.86 35.44
C TYR A 516 1.38 -15.28 36.92
N MET A 517 0.22 -15.32 37.62
CA MET A 517 0.14 -15.73 39.03
C MET A 517 0.62 -17.16 39.25
N ALA A 518 0.39 -18.05 38.26
CA ALA A 518 0.80 -19.44 38.33
C ALA A 518 2.32 -19.57 38.26
N VAL A 519 2.92 -18.85 37.29
CA VAL A 519 4.36 -18.80 37.05
C VAL A 519 5.06 -18.15 38.25
N GLN A 520 4.40 -17.14 38.87
CA GLN A 520 4.85 -16.48 40.10
C GLN A 520 4.90 -17.47 41.26
N HIS A 521 3.77 -18.14 41.57
CA HIS A 521 3.63 -19.15 42.64
C HIS A 521 4.58 -20.35 42.45
N TYR A 522 4.92 -20.68 41.18
CA TYR A 522 5.87 -21.72 40.86
C TYR A 522 7.29 -21.23 41.20
N ARG B 5 0.72 12.63 -7.05
CA ARG B 5 0.15 13.85 -7.61
C ARG B 5 -1.33 13.96 -7.24
N ARG B 6 -1.65 14.77 -6.22
CA ARG B 6 -3.05 14.94 -5.78
C ARG B 6 -3.38 16.41 -5.42
N TRP B 7 -2.32 17.25 -5.33
CA TRP B 7 -2.28 18.68 -4.99
C TRP B 7 -2.86 19.60 -6.09
N PHE B 8 -3.08 19.07 -7.32
CA PHE B 8 -3.67 19.85 -8.40
C PHE B 8 -5.18 19.71 -8.37
N HIS B 9 -5.87 20.84 -8.20
CA HIS B 9 -7.32 20.95 -8.14
C HIS B 9 -7.77 21.61 -9.45
N PRO B 10 -8.21 20.80 -10.45
CA PRO B 10 -8.54 21.37 -11.76
C PRO B 10 -9.80 22.21 -11.84
N ASN B 11 -10.78 22.02 -10.94
CA ASN B 11 -12.04 22.73 -11.05
C ASN B 11 -12.46 23.49 -9.80
N ILE B 12 -11.57 24.34 -9.26
CA ILE B 12 -11.92 25.11 -8.07
C ILE B 12 -11.62 26.60 -8.27
N THR B 13 -12.45 27.45 -7.64
CA THR B 13 -12.33 28.91 -7.67
C THR B 13 -11.24 29.40 -6.69
N GLY B 14 -11.09 30.71 -6.56
CA GLY B 14 -10.15 31.33 -5.64
C GLY B 14 -10.55 31.24 -4.19
N VAL B 15 -11.86 31.44 -3.90
CA VAL B 15 -12.38 31.39 -2.52
C VAL B 15 -12.62 29.93 -2.09
N GLU B 16 -12.96 29.01 -3.04
CA GLU B 16 -13.12 27.57 -2.76
C GLU B 16 -11.79 27.01 -2.20
N ALA B 17 -10.65 27.49 -2.74
CA ALA B 17 -9.30 27.15 -2.34
C ALA B 17 -9.00 27.68 -0.93
N GLU B 18 -9.37 28.96 -0.66
CA GLU B 18 -9.18 29.61 0.63
C GLU B 18 -9.92 28.87 1.75
N ASN B 19 -11.20 28.50 1.50
CA ASN B 19 -12.05 27.74 2.43
C ASN B 19 -11.45 26.34 2.65
N LEU B 20 -10.92 25.71 1.56
CA LEU B 20 -10.27 24.40 1.60
C LEU B 20 -9.00 24.40 2.45
N LEU B 21 -8.11 25.39 2.28
CA LEU B 21 -6.86 25.43 3.05
C LEU B 21 -7.06 25.87 4.51
N LEU B 22 -8.09 26.71 4.75
CA LEU B 22 -8.43 27.27 6.05
C LEU B 22 -9.18 26.30 6.97
N THR B 23 -9.94 25.35 6.39
CA THR B 23 -10.72 24.37 7.16
C THR B 23 -10.22 22.91 7.00
N ARG B 24 -9.68 22.52 5.81
CA ARG B 24 -9.22 21.14 5.58
C ARG B 24 -7.66 20.96 5.67
N GLY B 25 -6.94 22.08 5.78
CA GLY B 25 -5.48 22.06 5.92
C GLY B 25 -4.97 22.79 7.14
N VAL B 26 -3.63 22.84 7.28
CA VAL B 26 -2.90 23.56 8.35
C VAL B 26 -1.89 24.52 7.68
N ASP B 27 -0.98 25.12 8.45
CA ASP B 27 0.05 25.98 7.85
C ASP B 27 1.07 25.07 7.18
N GLY B 28 1.46 25.42 5.97
CA GLY B 28 2.37 24.62 5.16
C GLY B 28 1.59 23.82 4.15
N SER B 29 0.24 23.91 4.22
CA SER B 29 -0.68 23.23 3.30
C SER B 29 -0.80 24.01 2.00
N PHE B 30 -0.85 23.29 0.88
CA PHE B 30 -0.89 23.90 -0.44
C PHE B 30 -1.65 23.11 -1.52
N LEU B 31 -2.06 23.86 -2.56
CA LEU B 31 -2.72 23.39 -3.77
C LEU B 31 -2.31 24.25 -4.99
N ALA B 32 -2.46 23.67 -6.16
CA ALA B 32 -2.24 24.30 -7.46
C ALA B 32 -3.59 24.21 -8.19
N ARG B 33 -3.94 25.23 -8.96
CA ARG B 33 -5.22 25.31 -9.67
C ARG B 33 -5.11 26.15 -10.93
N PRO B 34 -5.88 25.86 -12.00
CA PRO B 34 -5.81 26.73 -13.19
C PRO B 34 -6.43 28.11 -12.91
N SER B 35 -5.77 29.20 -13.39
CA SER B 35 -6.28 30.56 -13.23
C SER B 35 -7.35 30.78 -14.29
N PRO B 39 -5.84 33.35 -17.17
CA PRO B 39 -6.26 32.16 -17.95
C PRO B 39 -5.13 31.67 -18.84
N GLY B 40 -4.79 30.39 -18.69
CA GLY B 40 -3.65 29.73 -19.32
C GLY B 40 -2.51 29.73 -18.30
N ASP B 41 -2.74 30.44 -17.19
CA ASP B 41 -1.90 30.59 -16.00
C ASP B 41 -2.34 29.55 -14.96
N PHE B 42 -1.56 29.45 -13.88
CA PHE B 42 -1.81 28.58 -12.74
C PHE B 42 -1.56 29.41 -11.49
N THR B 43 -2.08 28.96 -10.34
CA THR B 43 -1.92 29.62 -9.05
C THR B 43 -1.53 28.61 -8.00
N LEU B 44 -0.53 28.98 -7.19
CA LEU B 44 -0.06 28.21 -6.07
C LEU B 44 -0.70 28.85 -4.83
N SER B 45 -1.71 28.17 -4.24
CA SER B 45 -2.43 28.63 -3.05
C SER B 45 -1.87 27.92 -1.84
N VAL B 46 -1.31 28.69 -0.90
CA VAL B 46 -0.59 28.20 0.27
C VAL B 46 -1.08 28.87 1.55
N ARG B 47 -1.26 28.07 2.61
CA ARG B 47 -1.64 28.57 3.94
C ARG B 47 -0.34 28.87 4.72
N ARG B 48 -0.24 30.10 5.26
CA ARG B 48 0.92 30.61 5.99
C ARG B 48 0.41 31.54 7.11
N ASN B 49 0.78 31.24 8.38
CA ASN B 49 0.39 31.99 9.61
C ASN B 49 -1.15 32.16 9.76
N GLY B 50 -1.88 31.12 9.37
CA GLY B 50 -3.34 31.09 9.40
C GLY B 50 -4.01 31.87 8.28
N ALA B 51 -3.22 32.30 7.28
CA ALA B 51 -3.70 33.08 6.13
C ALA B 51 -3.25 32.46 4.80
N VAL B 52 -4.11 32.57 3.77
CA VAL B 52 -3.85 32.03 2.44
C VAL B 52 -3.17 33.08 1.50
N THR B 53 -1.97 32.72 0.98
CA THR B 53 -1.17 33.50 0.03
C THR B 53 -1.21 32.81 -1.34
N HIS B 54 -1.45 33.61 -2.41
CA HIS B 54 -1.55 33.13 -3.78
C HIS B 54 -0.34 33.54 -4.65
N ILE B 55 0.35 32.54 -5.25
CA ILE B 55 1.54 32.72 -6.09
C ILE B 55 1.24 32.38 -7.55
N LYS B 56 1.45 33.34 -8.47
CA LYS B 56 1.20 33.14 -9.90
C LYS B 56 2.27 32.25 -10.59
N ILE B 57 1.82 31.28 -11.41
CA ILE B 57 2.66 30.42 -12.23
C ILE B 57 2.26 30.75 -13.68
N GLN B 58 3.21 31.25 -14.48
CA GLN B 58 2.96 31.59 -15.86
C GLN B 58 3.59 30.55 -16.80
N ASN B 59 2.86 30.20 -17.87
CA ASN B 59 3.37 29.31 -18.91
C ASN B 59 2.88 29.78 -20.26
N THR B 60 3.76 30.41 -21.06
CA THR B 60 3.38 30.90 -22.40
C THR B 60 3.77 29.90 -23.50
N GLY B 61 4.49 28.83 -23.13
CA GLY B 61 4.85 27.78 -24.08
C GLY B 61 6.23 27.19 -23.94
N ASP B 62 7.07 27.81 -23.11
CA ASP B 62 8.43 27.35 -22.98
C ASP B 62 8.69 26.62 -21.70
N TYR B 63 8.00 27.01 -20.61
CA TYR B 63 8.19 26.53 -19.25
C TYR B 63 7.17 27.13 -18.31
N TYR B 64 7.19 26.67 -17.06
CA TYR B 64 6.39 27.17 -15.95
C TYR B 64 7.29 28.13 -15.17
N ASP B 65 6.90 29.41 -15.13
CA ASP B 65 7.66 30.42 -14.40
C ASP B 65 6.84 30.88 -13.20
N LEU B 66 7.32 30.53 -12.01
CA LEU B 66 6.72 30.91 -10.74
C LEU B 66 7.06 32.37 -10.48
N TYR B 67 6.06 33.18 -10.10
CA TYR B 67 6.27 34.59 -9.79
C TYR B 67 7.18 34.70 -8.59
N GLY B 68 8.31 35.36 -8.79
CA GLY B 68 9.34 35.53 -7.77
C GLY B 68 9.91 34.19 -7.34
N GLY B 69 10.17 33.33 -8.32
CA GLY B 69 10.71 31.98 -8.11
C GLY B 69 11.54 31.49 -9.28
N GLU B 70 11.41 30.20 -9.63
CA GLU B 70 12.20 29.67 -10.73
C GLU B 70 11.38 29.05 -11.86
N LYS B 71 12.07 28.65 -12.93
CA LYS B 71 11.51 28.05 -14.14
C LYS B 71 11.58 26.54 -14.10
N PHE B 72 10.48 25.89 -14.49
CA PHE B 72 10.37 24.44 -14.42
C PHE B 72 9.79 23.82 -15.65
N ALA B 73 10.16 22.55 -15.90
CA ALA B 73 9.64 21.75 -17.00
C ALA B 73 8.21 21.26 -16.75
N THR B 74 7.90 20.82 -15.51
CA THR B 74 6.55 20.36 -15.12
C THR B 74 6.09 21.01 -13.81
N LEU B 75 4.74 21.05 -13.57
CA LEU B 75 4.20 21.57 -12.30
C LEU B 75 4.62 20.70 -11.13
N ALA B 76 4.88 19.40 -11.36
CA ALA B 76 5.35 18.47 -10.32
C ALA B 76 6.81 18.72 -9.97
N GLU B 77 7.69 19.01 -10.95
CA GLU B 77 9.10 19.30 -10.66
C GLU B 77 9.20 20.60 -9.86
N LEU B 78 8.26 21.52 -10.11
CA LEU B 78 8.08 22.78 -9.39
C LEU B 78 7.76 22.48 -7.92
N VAL B 79 6.70 21.69 -7.68
CA VAL B 79 6.18 21.30 -6.38
C VAL B 79 7.22 20.47 -5.62
N GLN B 80 7.87 19.49 -6.28
CA GLN B 80 8.93 18.64 -5.73
C GLN B 80 10.14 19.50 -5.28
N TYR B 81 10.48 20.55 -6.06
CA TYR B 81 11.61 21.46 -5.78
C TYR B 81 11.42 22.25 -4.50
N TYR B 82 10.25 22.88 -4.34
CA TYR B 82 9.94 23.76 -3.23
C TYR B 82 9.52 23.03 -1.95
N MET B 83 9.12 21.76 -2.07
CA MET B 83 8.79 20.88 -0.95
C MET B 83 10.11 20.39 -0.32
N GLU B 84 11.17 20.29 -1.15
CA GLU B 84 12.47 19.76 -0.73
C GLU B 84 13.52 20.82 -0.32
N HIS B 85 13.27 22.13 -0.60
CA HIS B 85 14.12 23.30 -0.26
C HIS B 85 13.45 24.64 -0.65
N GLU B 98 6.73 28.15 2.52
CA GLU B 98 7.20 26.77 2.58
C GLU B 98 6.10 25.78 2.26
N LEU B 99 6.41 24.80 1.35
CA LEU B 99 5.48 23.73 0.95
C LEU B 99 5.77 22.53 1.83
N LYS B 100 4.77 22.14 2.63
CA LYS B 100 4.86 21.04 3.59
C LYS B 100 3.80 19.97 3.33
N TYR B 101 2.50 20.35 3.27
CA TYR B 101 1.40 19.39 3.07
C TYR B 101 0.51 19.64 1.85
N PRO B 102 0.52 18.73 0.87
CA PRO B 102 -0.38 18.89 -0.28
C PRO B 102 -1.83 18.57 0.05
N LEU B 103 -2.76 19.46 -0.27
CA LEU B 103 -4.19 19.22 -0.03
C LEU B 103 -4.74 18.46 -1.23
N ASN B 104 -5.18 17.22 -0.99
CA ASN B 104 -5.68 16.29 -2.01
C ASN B 104 -7.04 16.67 -2.59
N CYS B 105 -7.20 16.41 -3.89
CA CYS B 105 -8.40 16.69 -4.68
C CYS B 105 -9.24 15.44 -4.81
N ALA B 106 -10.56 15.60 -4.56
CA ALA B 106 -11.55 14.54 -4.63
C ALA B 106 -12.22 14.44 -6.00
N ASP B 107 -11.98 15.42 -6.89
CA ASP B 107 -12.51 15.43 -8.27
C ASP B 107 -11.78 14.36 -9.14
N PRO B 108 -12.53 13.42 -9.77
CA PRO B 108 -11.87 12.40 -10.60
C PRO B 108 -11.72 12.84 -12.07
N GLU B 111 -7.71 12.18 -15.12
CA GLU B 111 -7.89 10.93 -14.37
C GLU B 111 -7.58 9.67 -15.18
N ARG B 112 -8.41 9.40 -16.24
CA ARG B 112 -8.35 8.35 -17.29
C ARG B 112 -9.48 7.32 -17.21
N TRP B 113 -9.71 6.74 -16.02
CA TRP B 113 -10.76 5.74 -15.82
C TRP B 113 -12.14 6.36 -15.60
N PHE B 114 -12.20 7.70 -15.37
CA PHE B 114 -13.44 8.40 -15.08
C PHE B 114 -14.16 8.88 -16.33
N HIS B 115 -15.39 8.34 -16.55
CA HIS B 115 -16.25 8.61 -17.70
C HIS B 115 -17.53 9.45 -17.43
N GLY B 116 -17.83 9.76 -16.16
CA GLY B 116 -19.02 10.52 -15.78
C GLY B 116 -20.32 9.86 -16.22
N HIS B 117 -21.06 10.50 -17.16
CA HIS B 117 -22.31 9.93 -17.66
C HIS B 117 -22.03 8.77 -18.65
N LEU B 118 -22.51 7.55 -18.33
CA LEU B 118 -22.36 6.32 -19.14
C LEU B 118 -23.26 5.20 -18.62
N SER B 119 -23.69 4.28 -19.52
CA SER B 119 -24.56 3.15 -19.20
C SER B 119 -23.81 1.82 -19.21
N LEU B 126 -18.49 -0.72 -25.56
CA LEU B 126 -17.26 0.05 -25.33
C LEU B 126 -16.15 -0.83 -24.74
N LEU B 127 -16.47 -1.61 -23.67
CA LEU B 127 -15.51 -2.52 -23.07
C LEU B 127 -15.30 -3.75 -23.95
N THR B 128 -16.25 -4.03 -24.85
CA THR B 128 -16.19 -5.14 -25.80
C THR B 128 -15.42 -4.68 -27.04
N GLU B 129 -15.66 -3.42 -27.47
CA GLU B 129 -15.06 -2.81 -28.65
C GLU B 129 -13.61 -2.40 -28.47
N LYS B 130 -13.30 -1.72 -27.34
CA LYS B 130 -11.97 -1.17 -27.08
C LYS B 130 -11.22 -1.87 -25.94
N GLY B 131 -11.96 -2.34 -24.94
CA GLY B 131 -11.40 -3.01 -23.78
C GLY B 131 -10.93 -4.43 -24.01
N LYS B 132 -10.02 -4.86 -23.12
CA LYS B 132 -9.42 -6.20 -23.01
C LYS B 132 -9.40 -6.59 -21.50
N HIS B 133 -8.67 -7.66 -21.10
CA HIS B 133 -8.60 -8.08 -19.70
C HIS B 133 -7.96 -7.02 -18.79
N GLY B 134 -8.74 -6.55 -17.82
CA GLY B 134 -8.32 -5.54 -16.86
C GLY B 134 -8.74 -4.13 -17.19
N SER B 135 -9.39 -3.93 -18.37
CA SER B 135 -9.85 -2.61 -18.79
C SER B 135 -11.04 -2.21 -17.92
N PHE B 136 -10.95 -1.06 -17.26
CA PHE B 136 -11.98 -0.62 -16.32
C PHE B 136 -12.37 0.84 -16.48
N LEU B 137 -13.50 1.22 -15.86
CA LEU B 137 -14.03 2.57 -15.87
C LEU B 137 -14.93 2.84 -14.68
N VAL B 138 -15.10 4.14 -14.33
CA VAL B 138 -16.00 4.61 -13.28
C VAL B 138 -16.96 5.62 -13.91
N ARG B 139 -18.26 5.29 -13.85
CA ARG B 139 -19.37 6.08 -14.36
C ARG B 139 -20.28 6.57 -13.21
N GLU B 140 -21.30 7.37 -13.54
CA GLU B 140 -22.28 7.97 -12.62
C GLU B 140 -23.63 7.30 -12.85
N PRO B 145 -28.55 6.57 -7.98
CA PRO B 145 -28.53 8.01 -8.30
C PRO B 145 -27.79 8.84 -7.24
N GLY B 146 -26.73 9.54 -7.70
CA GLY B 146 -25.83 10.30 -6.86
C GLY B 146 -24.60 9.46 -6.48
N ASP B 147 -24.67 8.14 -6.80
CA ASP B 147 -23.67 7.10 -6.60
C ASP B 147 -22.87 6.86 -7.92
N PHE B 148 -21.90 5.92 -7.87
CA PHE B 148 -21.03 5.60 -9.00
C PHE B 148 -21.01 4.11 -9.26
N VAL B 149 -20.51 3.71 -10.45
CA VAL B 149 -20.43 2.30 -10.84
C VAL B 149 -19.03 2.05 -11.42
N LEU B 150 -18.37 0.98 -10.97
CA LEU B 150 -17.08 0.54 -11.50
C LEU B 150 -17.34 -0.65 -12.43
N SER B 151 -17.16 -0.46 -13.75
CA SER B 151 -17.35 -1.53 -14.75
C SER B 151 -15.99 -2.11 -15.14
N VAL B 152 -15.82 -3.44 -15.03
CA VAL B 152 -14.58 -4.18 -15.27
C VAL B 152 -14.74 -5.25 -16.35
N ARG B 153 -13.69 -5.47 -17.15
CA ARG B 153 -13.62 -6.51 -18.16
C ARG B 153 -12.70 -7.63 -17.61
N THR B 154 -13.10 -8.91 -17.83
CA THR B 154 -12.37 -10.11 -17.41
C THR B 154 -12.24 -11.11 -18.57
N GLY B 155 -11.11 -11.79 -18.66
CA GLY B 155 -10.87 -12.76 -19.73
C GLY B 155 -9.53 -13.47 -19.66
N LYS B 167 -16.06 -11.13 -20.16
CA LYS B 167 -17.25 -10.65 -19.44
C LYS B 167 -17.09 -9.27 -18.79
N VAL B 168 -18.20 -8.52 -18.65
CA VAL B 168 -18.20 -7.19 -18.03
C VAL B 168 -18.93 -7.22 -16.66
N THR B 169 -18.15 -7.13 -15.57
CA THR B 169 -18.65 -7.09 -14.21
C THR B 169 -18.91 -5.62 -13.79
N HIS B 170 -20.08 -5.35 -13.20
CA HIS B 170 -20.46 -4.02 -12.69
C HIS B 170 -20.47 -4.04 -11.18
N VAL B 171 -19.76 -3.07 -10.57
CA VAL B 171 -19.60 -2.95 -9.13
C VAL B 171 -20.16 -1.61 -8.66
N MET B 172 -21.23 -1.63 -7.86
CA MET B 172 -21.85 -0.41 -7.35
C MET B 172 -20.97 0.25 -6.29
N ILE B 173 -20.81 1.58 -6.41
CA ILE B 173 -20.02 2.41 -5.51
C ILE B 173 -21.01 3.36 -4.83
N ARG B 174 -21.30 3.14 -3.53
CA ARG B 174 -22.24 4.00 -2.81
C ARG B 174 -21.54 5.27 -2.31
N CYS B 175 -22.24 6.39 -2.39
CA CYS B 175 -21.68 7.65 -1.94
C CYS B 175 -22.45 8.14 -0.71
N GLN B 176 -21.84 7.95 0.46
CA GLN B 176 -22.47 8.32 1.73
C GLN B 176 -21.64 9.28 2.55
N GLU B 177 -22.30 10.38 2.98
CA GLU B 177 -21.79 11.46 3.80
C GLU B 177 -20.31 11.78 3.48
N LEU B 178 -20.06 12.13 2.20
CA LEU B 178 -18.80 12.56 1.56
C LEU B 178 -17.77 11.41 1.29
N LYS B 179 -18.06 10.16 1.75
CA LYS B 179 -17.18 9.01 1.54
C LYS B 179 -17.77 8.00 0.54
N TYR B 180 -16.89 7.25 -0.15
CA TYR B 180 -17.20 6.26 -1.21
C TYR B 180 -16.87 4.85 -0.75
N ASP B 181 -17.72 3.85 -1.05
CA ASP B 181 -17.54 2.44 -0.65
C ASP B 181 -18.19 1.42 -1.64
N VAL B 182 -17.87 0.12 -1.50
CA VAL B 182 -18.44 -0.94 -2.35
C VAL B 182 -19.56 -1.76 -1.58
N GLY B 183 -20.20 -1.12 -0.59
CA GLY B 183 -21.27 -1.70 0.23
C GLY B 183 -20.80 -2.39 1.51
N GLY B 184 -19.50 -2.31 1.77
CA GLY B 184 -18.86 -2.91 2.94
C GLY B 184 -17.36 -2.76 2.91
N GLY B 185 -16.76 -2.73 4.10
CA GLY B 185 -15.33 -2.60 4.30
C GLY B 185 -14.92 -1.16 4.52
N GLU B 186 -13.88 -0.72 3.80
CA GLU B 186 -13.38 0.65 3.92
C GLU B 186 -14.19 1.68 3.14
N ARG B 187 -14.26 2.90 3.70
CA ARG B 187 -14.89 4.06 3.11
C ARG B 187 -13.76 5.02 2.69
N PHE B 188 -13.84 5.55 1.47
CA PHE B 188 -12.78 6.37 0.88
C PHE B 188 -13.16 7.81 0.69
N ASP B 189 -12.20 8.71 0.95
CA ASP B 189 -12.33 10.17 0.85
C ASP B 189 -12.71 10.65 -0.55
N SER B 190 -12.35 9.85 -1.58
CA SER B 190 -12.57 10.14 -3.00
C SER B 190 -12.59 8.85 -3.82
N LEU B 191 -13.05 8.95 -5.08
CA LEU B 191 -13.09 7.82 -6.01
C LEU B 191 -11.70 7.27 -6.29
N THR B 192 -10.70 8.16 -6.49
CA THR B 192 -9.30 7.83 -6.76
C THR B 192 -8.74 6.89 -5.70
N ASP B 193 -9.01 7.21 -4.41
CA ASP B 193 -8.60 6.43 -3.24
C ASP B 193 -9.13 5.00 -3.32
N LEU B 194 -10.42 4.86 -3.66
CA LEU B 194 -11.12 3.58 -3.83
C LEU B 194 -10.50 2.80 -5.00
N VAL B 195 -10.28 3.46 -6.17
CA VAL B 195 -9.70 2.83 -7.37
C VAL B 195 -8.26 2.35 -7.13
N GLU B 196 -7.45 3.20 -6.46
CA GLU B 196 -6.05 2.87 -6.16
C GLU B 196 -5.96 1.67 -5.20
N HIS B 197 -6.94 1.56 -4.28
CA HIS B 197 -7.07 0.47 -3.32
C HIS B 197 -7.40 -0.87 -3.99
N TYR B 198 -8.43 -0.90 -4.85
CA TYR B 198 -8.85 -2.13 -5.54
C TYR B 198 -7.95 -2.48 -6.77
N LYS B 199 -6.95 -1.63 -7.07
CA LYS B 199 -5.97 -1.84 -8.12
C LYS B 199 -4.93 -2.84 -7.58
N LYS B 200 -4.52 -2.66 -6.31
CA LYS B 200 -3.51 -3.47 -5.64
C LYS B 200 -4.09 -4.57 -4.75
N ASN B 201 -5.29 -4.35 -4.20
CA ASN B 201 -6.02 -5.32 -3.37
C ASN B 201 -7.34 -5.62 -4.12
N PRO B 202 -7.30 -6.48 -5.16
CA PRO B 202 -8.49 -6.68 -6.00
C PRO B 202 -9.64 -7.47 -5.40
N MET B 203 -10.88 -7.04 -5.73
CA MET B 203 -12.14 -7.68 -5.35
C MET B 203 -12.17 -9.05 -6.01
N VAL B 204 -12.48 -10.10 -5.21
CA VAL B 204 -12.51 -11.50 -5.64
C VAL B 204 -13.88 -12.11 -5.30
N THR B 209 -13.25 -15.49 -9.70
CA THR B 209 -12.98 -14.34 -10.56
C THR B 209 -12.30 -13.19 -9.79
N VAL B 210 -11.09 -12.85 -10.24
CA VAL B 210 -10.27 -11.75 -9.71
C VAL B 210 -10.63 -10.52 -10.55
N LEU B 211 -11.18 -9.47 -9.91
CA LEU B 211 -11.58 -8.27 -10.62
C LEU B 211 -10.41 -7.26 -10.69
N GLN B 212 -9.40 -7.61 -11.52
CA GLN B 212 -8.18 -6.84 -11.75
C GLN B 212 -8.42 -5.53 -12.48
N LEU B 213 -7.95 -4.42 -11.87
CA LEU B 213 -8.02 -3.09 -12.44
C LEU B 213 -6.61 -2.80 -12.96
N LYS B 214 -6.31 -3.32 -14.18
CA LYS B 214 -5.00 -3.24 -14.81
C LYS B 214 -4.71 -1.87 -15.45
N GLN B 215 -5.57 -1.45 -16.40
CA GLN B 215 -5.44 -0.18 -17.13
C GLN B 215 -6.83 0.38 -17.45
N PRO B 216 -7.02 1.72 -17.57
CA PRO B 216 -8.36 2.23 -17.92
C PRO B 216 -8.71 1.96 -19.37
N LEU B 217 -9.95 2.29 -19.75
CA LEU B 217 -10.42 2.11 -21.12
C LEU B 217 -9.93 3.31 -21.94
N ASN B 218 -9.37 3.04 -23.15
CA ASN B 218 -8.86 4.09 -24.04
C ASN B 218 -10.02 4.85 -24.69
N THR B 219 -10.01 6.19 -24.55
CA THR B 219 -11.06 7.11 -25.03
C THR B 219 -10.52 8.14 -26.05
N THR B 220 -9.19 8.25 -26.16
CA THR B 220 -8.49 9.27 -26.94
C THR B 220 -7.98 8.80 -28.35
N ARG B 221 -7.92 7.49 -28.61
CA ARG B 221 -7.46 6.94 -29.89
C ARG B 221 -8.55 7.00 -30.98
N ILE B 222 -8.31 7.81 -32.04
CA ILE B 222 -9.25 7.91 -33.16
C ILE B 222 -8.65 7.35 -34.43
N ASN B 223 -9.46 7.23 -35.48
CA ASN B 223 -9.01 6.81 -36.80
C ASN B 223 -8.70 8.10 -37.54
N ALA B 224 -7.62 8.15 -38.34
CA ALA B 224 -7.25 9.38 -39.07
C ALA B 224 -8.46 10.01 -39.76
N ALA B 225 -9.22 9.19 -40.53
CA ALA B 225 -10.43 9.52 -41.28
C ALA B 225 -11.46 10.42 -40.55
N GLU B 226 -11.73 10.17 -39.25
CA GLU B 226 -12.71 10.97 -38.50
C GLU B 226 -12.09 11.88 -37.42
N ILE B 227 -11.04 12.64 -37.81
CA ILE B 227 -10.34 13.61 -36.98
C ILE B 227 -11.25 14.84 -36.81
N GLU B 228 -11.94 15.21 -37.90
CA GLU B 228 -12.85 16.37 -38.01
C GLU B 228 -13.94 16.36 -36.93
N SER B 229 -14.52 15.18 -36.64
CA SER B 229 -15.57 14.99 -35.63
C SER B 229 -15.05 15.07 -34.21
N ARG B 230 -13.89 14.41 -33.92
CA ARG B 230 -13.25 14.42 -32.59
C ARG B 230 -12.82 15.84 -32.19
N VAL B 231 -12.26 16.60 -33.15
CA VAL B 231 -11.84 17.98 -32.96
C VAL B 231 -13.09 18.83 -32.70
N ARG B 232 -14.17 18.61 -33.51
CA ARG B 232 -15.48 19.27 -33.37
C ARG B 232 -16.11 18.94 -32.01
N GLU B 233 -15.79 17.74 -31.46
CA GLU B 233 -16.24 17.27 -30.14
C GLU B 233 -15.43 17.94 -29.01
N LEU B 234 -14.09 18.00 -29.16
CA LEU B 234 -13.19 18.63 -28.19
C LEU B 234 -13.23 20.17 -28.23
N SER B 235 -13.84 20.77 -29.28
CA SER B 235 -13.96 22.23 -29.43
C SER B 235 -15.25 22.82 -28.83
N LYS B 236 -16.18 21.96 -28.34
CA LYS B 236 -17.45 22.38 -27.75
C LYS B 236 -17.23 23.01 -26.38
N GLN B 246 -13.65 23.29 -21.52
CA GLN B 246 -13.49 22.74 -22.87
C GLN B 246 -13.05 21.27 -22.84
N GLY B 247 -13.40 20.55 -23.92
CA GLY B 247 -13.02 19.14 -24.10
C GLY B 247 -11.52 19.03 -24.28
N PHE B 248 -10.93 19.99 -25.01
CA PHE B 248 -9.50 20.09 -25.27
C PHE B 248 -8.70 20.33 -23.98
N TRP B 249 -9.25 21.15 -23.05
CA TRP B 249 -8.63 21.47 -21.76
C TRP B 249 -8.68 20.25 -20.82
N GLU B 250 -9.87 19.62 -20.72
CA GLU B 250 -10.16 18.45 -19.91
C GLU B 250 -9.25 17.28 -20.29
N GLU B 251 -9.05 17.02 -21.60
CA GLU B 251 -8.18 15.94 -22.09
C GLU B 251 -6.71 16.25 -21.75
N PHE B 252 -6.33 17.52 -21.87
CA PHE B 252 -4.98 17.96 -21.56
C PHE B 252 -4.68 17.86 -20.05
N GLU B 253 -5.62 18.27 -19.19
CA GLU B 253 -5.41 18.19 -17.76
C GLU B 253 -5.43 16.74 -17.26
N THR B 254 -6.01 15.81 -18.07
CA THR B 254 -6.03 14.36 -17.85
C THR B 254 -4.60 13.86 -18.20
N LEU B 255 -3.95 14.51 -19.18
CA LEU B 255 -2.59 14.20 -19.61
C LEU B 255 -1.54 14.64 -18.61
N GLN B 256 -1.72 15.79 -17.99
CA GLN B 256 -0.75 16.33 -17.02
C GLN B 256 -0.81 15.54 -15.71
N GLN B 257 -1.99 14.98 -15.41
CA GLN B 257 -2.22 14.20 -14.19
C GLN B 257 -1.44 12.87 -14.26
N GLN B 258 -0.82 12.59 -15.42
CA GLN B 258 -0.05 11.38 -15.72
C GLN B 258 1.47 11.57 -15.64
N GLU B 259 1.96 12.83 -15.47
CA GLU B 259 3.38 13.18 -15.49
C GLU B 259 4.24 12.46 -14.45
N CYS B 260 3.70 12.29 -13.22
CA CYS B 260 4.37 11.64 -12.09
C CYS B 260 4.41 10.11 -12.18
N LYS B 261 3.78 9.53 -13.19
CA LYS B 261 3.72 8.08 -13.42
C LYS B 261 4.83 7.63 -14.40
N LEU B 262 5.76 8.55 -14.74
CA LEU B 262 6.90 8.33 -15.63
C LEU B 262 8.15 8.17 -14.79
N LEU B 263 8.91 7.08 -15.04
CA LEU B 263 10.14 6.72 -14.32
C LEU B 263 11.40 7.22 -15.01
N TYR B 264 12.05 8.23 -14.40
CA TYR B 264 13.26 8.85 -14.94
C TYR B 264 14.03 9.57 -13.81
N SER B 265 15.34 9.73 -14.00
CA SER B 265 16.15 10.52 -13.09
C SER B 265 16.64 11.76 -13.87
N ARG B 266 17.15 12.77 -13.16
CA ARG B 266 17.67 14.03 -13.72
C ARG B 266 18.95 14.43 -13.01
N LYS B 267 19.67 13.44 -12.46
CA LYS B 267 20.88 13.58 -11.65
C LYS B 267 22.08 14.19 -12.40
N GLU B 268 22.44 13.67 -13.59
CA GLU B 268 23.56 14.17 -14.40
C GLU B 268 23.56 15.70 -14.61
N GLY B 269 22.39 16.25 -14.89
CA GLY B 269 22.16 17.67 -15.13
C GLY B 269 22.30 18.52 -13.90
N GLN B 270 22.13 17.90 -12.72
CA GLN B 270 22.24 18.52 -11.41
C GLN B 270 23.71 18.58 -10.91
N ARG B 271 24.68 17.97 -11.65
CA ARG B 271 26.10 17.91 -11.30
C ARG B 271 26.77 19.28 -11.46
N GLN B 272 27.77 19.56 -10.59
CA GLN B 272 28.53 20.81 -10.47
C GLN B 272 29.06 21.35 -11.79
N GLU B 273 29.84 20.52 -12.50
CA GLU B 273 30.45 20.91 -13.77
C GLU B 273 29.44 20.95 -14.93
N ASN B 274 28.18 20.55 -14.68
CA ASN B 274 27.13 20.56 -15.70
C ASN B 274 26.15 21.72 -15.58
N LYS B 275 25.93 22.23 -14.34
CA LYS B 275 25.01 23.33 -14.05
C LYS B 275 25.06 24.49 -15.04
N ASN B 276 26.28 24.95 -15.41
CA ASN B 276 26.59 26.06 -16.35
C ASN B 276 26.24 25.75 -17.83
N LYS B 277 26.11 24.46 -18.14
CA LYS B 277 25.79 23.93 -19.46
C LYS B 277 24.26 23.90 -19.66
N ASN B 278 23.51 24.20 -18.60
CA ASN B 278 22.05 24.26 -18.69
C ASN B 278 21.63 25.73 -18.82
N ARG B 279 20.78 26.03 -19.84
CA ARG B 279 20.23 27.37 -20.13
C ARG B 279 19.23 27.77 -19.02
N TYR B 280 18.52 26.78 -18.48
CA TYR B 280 17.62 26.93 -17.35
C TYR B 280 18.03 25.79 -16.43
N LYS B 281 18.51 26.16 -15.22
CA LYS B 281 19.06 25.32 -14.17
C LYS B 281 18.18 24.12 -13.79
N ASN B 282 16.84 24.29 -13.76
CA ASN B 282 15.93 23.21 -13.35
C ASN B 282 15.47 22.30 -14.51
N ILE B 283 15.46 22.80 -15.76
CA ILE B 283 14.97 22.05 -16.93
C ILE B 283 16.14 21.18 -17.50
N LEU B 284 16.13 19.89 -17.13
CA LEU B 284 17.22 18.96 -17.39
C LEU B 284 16.90 17.71 -18.25
N PRO B 285 17.92 17.14 -18.94
CA PRO B 285 17.67 15.92 -19.71
C PRO B 285 17.42 14.68 -18.84
N SER B 286 16.52 13.77 -19.28
CA SER B 286 16.30 12.50 -18.58
C SER B 286 17.60 11.73 -18.79
N ASP B 287 18.13 11.09 -17.74
CA ASP B 287 19.42 10.40 -17.79
C ASP B 287 19.47 9.18 -18.73
N HIS B 288 18.35 8.43 -18.83
CA HIS B 288 18.29 7.20 -19.62
C HIS B 288 18.35 7.43 -21.13
N THR B 289 17.89 8.60 -21.63
CA THR B 289 17.86 8.98 -23.05
C THR B 289 18.80 10.17 -23.41
N ARG B 290 19.61 10.64 -22.44
CA ARG B 290 20.49 11.75 -22.75
C ARG B 290 21.57 11.39 -23.83
N VAL B 291 22.03 12.43 -24.53
CA VAL B 291 23.14 12.28 -25.49
C VAL B 291 24.42 12.36 -24.64
N VAL B 292 25.23 11.33 -24.73
CA VAL B 292 26.49 11.22 -23.99
C VAL B 292 27.58 11.50 -25.01
N LEU B 293 28.32 12.58 -24.79
CA LEU B 293 29.36 12.95 -25.74
C LEU B 293 30.64 12.19 -25.46
N HIS B 294 31.13 11.43 -26.46
CA HIS B 294 32.35 10.63 -26.35
C HIS B 294 33.38 11.03 -27.39
N SER B 303 32.75 16.44 -19.46
CA SER B 303 32.94 16.62 -20.91
C SER B 303 31.94 15.81 -21.77
N ASP B 304 31.25 14.82 -21.18
CA ASP B 304 30.26 13.92 -21.81
C ASP B 304 28.82 14.48 -21.79
N TYR B 305 28.65 15.68 -21.23
CA TYR B 305 27.35 16.31 -21.01
C TYR B 305 26.88 17.36 -22.01
N ILE B 306 25.59 17.20 -22.42
CA ILE B 306 24.78 18.16 -23.20
C ILE B 306 23.32 18.05 -22.73
N ASN B 307 22.58 19.14 -22.74
CA ASN B 307 21.16 19.11 -22.40
C ASN B 307 20.42 18.71 -23.68
N ALA B 308 20.40 17.41 -23.91
CA ALA B 308 19.81 16.83 -25.10
C ALA B 308 19.36 15.41 -24.81
N ASN B 309 18.19 15.05 -25.34
CA ASN B 309 17.66 13.70 -25.24
C ASN B 309 17.36 13.12 -26.62
N ILE B 310 17.59 11.82 -26.78
CA ILE B 310 17.20 11.09 -27.98
C ILE B 310 15.73 10.80 -27.76
N ILE B 311 14.89 11.06 -28.79
CA ILE B 311 13.45 10.80 -28.85
C ILE B 311 13.26 9.71 -29.89
N MET B 312 12.97 8.49 -29.42
CA MET B 312 12.71 7.33 -30.26
C MET B 312 11.19 7.06 -30.24
N PRO B 313 10.47 7.17 -31.39
CA PRO B 313 9.02 6.91 -31.38
C PRO B 313 8.62 5.45 -31.28
N LYS B 326 12.14 7.45 -38.06
CA LYS B 326 12.82 8.72 -37.78
C LYS B 326 13.01 8.95 -36.28
N SER B 327 14.27 9.13 -35.87
CA SER B 327 14.65 9.43 -34.50
C SER B 327 14.89 10.97 -34.36
N TYR B 328 14.79 11.49 -33.15
CA TYR B 328 14.98 12.92 -32.91
C TYR B 328 15.91 13.19 -31.74
N ILE B 329 16.63 14.28 -31.78
CA ILE B 329 17.34 14.73 -30.60
C ILE B 329 16.56 15.98 -30.17
N ALA B 330 16.01 16.01 -28.97
CA ALA B 330 15.29 17.19 -28.45
C ALA B 330 16.30 17.95 -27.60
N THR B 331 16.59 19.19 -27.94
CA THR B 331 17.59 19.93 -27.17
C THR B 331 17.18 21.39 -26.95
N GLN B 332 17.96 22.09 -26.15
CA GLN B 332 17.82 23.49 -25.81
C GLN B 332 18.67 24.35 -26.78
N GLY B 333 18.34 25.61 -26.83
CA GLY B 333 19.11 26.54 -27.64
C GLY B 333 20.50 26.72 -27.06
N CYS B 334 21.52 26.65 -27.93
CA CYS B 334 22.93 26.81 -27.60
C CYS B 334 23.19 27.97 -26.61
N LEU B 335 24.20 27.79 -25.77
CA LEU B 335 24.72 28.84 -24.91
C LEU B 335 26.12 29.02 -25.48
N GLN B 336 26.78 30.18 -25.21
CA GLN B 336 28.16 30.45 -25.70
C GLN B 336 29.16 29.32 -25.30
N ASN B 337 29.00 28.77 -24.07
CA ASN B 337 29.82 27.70 -23.50
C ASN B 337 29.40 26.26 -23.89
N THR B 338 28.35 26.11 -24.75
CA THR B 338 27.86 24.79 -25.19
C THR B 338 27.82 24.61 -26.73
N VAL B 339 28.24 25.66 -27.49
CA VAL B 339 28.30 25.69 -28.98
C VAL B 339 29.18 24.55 -29.51
N ASN B 340 30.35 24.34 -28.90
CA ASN B 340 31.30 23.31 -29.30
C ASN B 340 30.76 21.91 -29.01
N ASP B 341 30.07 21.74 -27.88
CA ASP B 341 29.46 20.48 -27.45
C ASP B 341 28.24 20.18 -28.34
N PHE B 342 27.54 21.23 -28.85
CA PHE B 342 26.39 21.03 -29.77
C PHE B 342 26.87 20.36 -31.07
N TRP B 343 27.95 20.92 -31.70
CA TRP B 343 28.52 20.40 -32.95
C TRP B 343 29.19 19.04 -32.80
N ARG B 344 29.69 18.72 -31.57
CA ARG B 344 30.28 17.44 -31.20
C ARG B 344 29.18 16.39 -31.22
N MET B 345 27.96 16.77 -30.81
CA MET B 345 26.77 15.91 -30.80
C MET B 345 26.24 15.68 -32.20
N VAL B 346 26.22 16.71 -33.04
CA VAL B 346 25.75 16.60 -34.42
C VAL B 346 26.60 15.62 -35.20
N PHE B 347 27.93 15.70 -35.03
CA PHE B 347 28.91 14.83 -35.70
C PHE B 347 28.83 13.40 -35.17
N GLN B 348 28.66 13.26 -33.85
CA GLN B 348 28.64 11.98 -33.17
C GLN B 348 27.43 11.12 -33.55
N GLU B 349 26.28 11.77 -33.57
CA GLU B 349 25.02 11.13 -33.87
C GLU B 349 24.78 10.95 -35.38
N ASN B 350 25.64 11.62 -36.21
CA ASN B 350 25.60 11.61 -37.66
C ASN B 350 24.29 12.25 -38.16
N SER B 351 23.83 13.27 -37.40
CA SER B 351 22.64 14.08 -37.69
C SER B 351 22.88 14.94 -38.91
N ARG B 352 21.92 14.88 -39.83
CA ARG B 352 22.05 15.59 -41.09
C ARG B 352 21.09 16.75 -41.22
N VAL B 353 20.22 16.97 -40.20
CA VAL B 353 19.16 17.99 -40.26
C VAL B 353 18.97 18.56 -38.89
N ILE B 354 18.85 19.88 -38.81
CA ILE B 354 18.59 20.67 -37.62
C ILE B 354 17.31 21.46 -37.83
N VAL B 355 16.42 21.39 -36.87
CA VAL B 355 15.16 22.12 -36.85
C VAL B 355 15.33 23.12 -35.70
N MET B 356 15.52 24.39 -36.10
CA MET B 356 15.60 25.49 -35.14
C MET B 356 14.19 26.10 -35.12
N THR B 357 13.52 26.03 -33.97
CA THR B 357 12.12 26.47 -33.90
C THR B 357 11.99 27.78 -33.20
N THR B 358 13.08 28.51 -33.15
CA THR B 358 13.13 29.77 -32.44
C THR B 358 14.01 30.79 -33.13
N LYS B 359 13.72 32.06 -32.90
CA LYS B 359 14.53 33.21 -33.29
C LYS B 359 15.64 33.22 -32.21
N GLU B 360 16.80 33.81 -32.50
CA GLU B 360 17.91 33.89 -31.54
C GLU B 360 17.52 34.71 -30.30
N VAL B 361 16.62 35.68 -30.50
CA VAL B 361 16.12 36.57 -29.47
C VAL B 361 14.63 36.76 -29.68
N GLU B 362 13.87 36.70 -28.57
CA GLU B 362 12.43 36.91 -28.55
C GLU B 362 12.06 37.75 -27.33
N ARG B 363 11.35 38.88 -27.56
CA ARG B 363 10.92 39.88 -26.55
C ARG B 363 12.14 40.54 -25.84
N GLY B 364 13.26 40.60 -26.58
CA GLY B 364 14.51 41.18 -26.12
C GLY B 364 15.46 40.21 -25.42
N LYS B 365 14.92 39.06 -24.96
CA LYS B 365 15.65 38.04 -24.20
C LYS B 365 16.28 36.92 -25.06
N SER B 366 17.55 36.56 -24.75
CA SER B 366 18.36 35.51 -25.41
C SER B 366 17.62 34.17 -25.42
N LYS B 367 17.65 33.46 -26.56
CA LYS B 367 16.94 32.18 -26.72
C LYS B 367 17.87 31.06 -27.24
N CYS B 368 18.80 31.45 -28.10
CA CYS B 368 19.77 30.56 -28.72
C CYS B 368 20.83 31.48 -29.24
N VAL B 369 22.10 31.10 -29.05
CA VAL B 369 23.19 31.90 -29.59
C VAL B 369 23.44 31.43 -31.02
N LYS B 370 24.01 32.28 -31.87
CA LYS B 370 24.32 31.95 -33.26
C LYS B 370 25.47 30.91 -33.32
N TYR B 371 25.14 29.61 -33.47
CA TYR B 371 26.12 28.50 -33.54
C TYR B 371 26.54 28.14 -34.98
N TRP B 372 26.04 28.87 -35.98
CA TRP B 372 26.35 28.64 -37.38
C TRP B 372 27.04 29.88 -37.93
N PRO B 373 27.93 29.72 -38.94
CA PRO B 373 28.59 30.90 -39.50
C PRO B 373 27.64 31.66 -40.44
N ASP B 374 28.10 32.82 -40.92
CA ASP B 374 27.41 33.64 -41.90
C ASP B 374 27.52 32.95 -43.24
N GLU B 375 26.65 33.33 -44.21
CA GLU B 375 26.71 32.77 -45.56
C GLU B 375 28.14 32.88 -46.11
N TYR B 376 28.65 31.79 -46.76
CA TYR B 376 29.97 31.67 -47.40
C TYR B 376 31.17 31.63 -46.39
N ALA B 377 30.93 31.91 -45.09
CA ALA B 377 31.94 31.87 -44.04
C ALA B 377 32.21 30.44 -43.52
N LEU B 378 33.44 30.22 -43.06
CA LEU B 378 33.88 28.97 -42.48
C LEU B 378 34.34 29.31 -41.06
N LYS B 379 33.81 28.58 -40.08
CA LYS B 379 34.13 28.79 -38.67
C LYS B 379 34.57 27.51 -38.03
N GLU B 380 35.49 27.61 -37.07
CA GLU B 380 35.97 26.48 -36.30
C GLU B 380 35.35 26.63 -34.90
N TYR B 381 34.74 25.54 -34.42
CA TYR B 381 34.13 25.45 -33.10
C TYR B 381 34.81 24.27 -32.45
N GLY B 382 35.89 24.56 -31.72
CA GLY B 382 36.70 23.53 -31.11
C GLY B 382 37.30 22.67 -32.21
N VAL B 383 37.21 21.35 -32.09
CA VAL B 383 37.73 20.38 -33.07
C VAL B 383 36.85 20.28 -34.35
N MET B 384 35.70 20.94 -34.32
CA MET B 384 34.70 20.91 -35.38
C MET B 384 34.77 22.12 -36.25
N ARG B 385 34.80 21.90 -37.53
CA ARG B 385 34.86 22.91 -38.56
C ARG B 385 33.47 22.97 -39.24
N VAL B 386 32.88 24.17 -39.32
CA VAL B 386 31.56 24.38 -39.94
C VAL B 386 31.63 25.46 -41.04
N ARG B 387 31.21 25.08 -42.26
CA ARG B 387 31.12 25.99 -43.41
C ARG B 387 29.63 26.29 -43.73
N ASN B 388 29.26 27.58 -43.88
CA ASN B 388 27.91 27.91 -44.33
C ASN B 388 27.94 28.03 -45.86
N VAL B 389 27.48 26.96 -46.56
CA VAL B 389 27.51 26.84 -48.02
C VAL B 389 26.57 27.84 -48.69
N LYS B 390 25.27 27.77 -48.38
CA LYS B 390 24.25 28.63 -48.97
C LYS B 390 23.03 28.77 -48.02
N GLU B 391 22.46 29.98 -47.92
CA GLU B 391 21.23 30.27 -47.16
C GLU B 391 20.07 30.51 -48.15
N SER B 392 18.96 29.77 -48.00
CA SER B 392 17.78 29.95 -48.85
C SER B 392 16.63 30.45 -47.97
N ALA B 393 16.01 31.57 -48.32
CA ALA B 393 14.88 32.09 -47.55
C ALA B 393 13.51 31.76 -48.18
N ALA B 394 12.55 31.44 -47.32
CA ALA B 394 11.14 31.21 -47.64
C ALA B 394 10.46 32.24 -46.74
N HIS B 395 9.14 32.35 -46.72
CA HIS B 395 8.52 33.33 -45.82
C HIS B 395 8.61 32.87 -44.33
N ASP B 396 8.30 31.58 -44.06
CA ASP B 396 8.25 30.99 -42.73
C ASP B 396 9.61 30.56 -42.15
N TYR B 397 10.56 30.20 -43.03
CA TYR B 397 11.85 29.73 -42.60
C TYR B 397 13.04 30.07 -43.49
N THR B 398 14.26 29.83 -42.96
CA THR B 398 15.51 29.90 -43.68
C THR B 398 16.09 28.48 -43.74
N LEU B 399 16.69 28.10 -44.85
CA LEU B 399 17.40 26.83 -44.91
C LEU B 399 18.89 27.17 -45.07
N ARG B 400 19.75 26.67 -44.18
CA ARG B 400 21.19 26.87 -44.31
C ARG B 400 21.83 25.53 -44.62
N GLU B 401 22.58 25.46 -45.72
CA GLU B 401 23.31 24.25 -46.18
C GLU B 401 24.66 24.37 -45.52
N LEU B 402 24.88 23.58 -44.46
CA LEU B 402 26.10 23.63 -43.65
C LEU B 402 26.99 22.43 -43.84
N LYS B 403 28.30 22.61 -44.09
CA LYS B 403 29.20 21.43 -44.16
C LYS B 403 29.94 21.30 -42.82
N LEU B 404 29.80 20.13 -42.14
CA LEU B 404 30.46 19.84 -40.87
C LEU B 404 31.60 18.79 -41.02
N SER B 405 32.76 19.13 -40.49
CA SER B 405 33.92 18.24 -40.52
C SER B 405 34.71 18.38 -39.23
N LYS B 406 35.60 17.42 -38.96
CA LYS B 406 36.50 17.44 -37.81
C LYS B 406 37.78 18.02 -38.38
N VAL B 407 38.38 18.98 -37.66
CA VAL B 407 39.66 19.62 -38.02
C VAL B 407 40.73 18.49 -38.00
N GLY B 408 41.59 18.47 -39.02
CA GLY B 408 42.68 17.51 -39.16
C GLY B 408 42.35 16.20 -39.85
N GLN B 409 41.16 16.13 -40.55
CA GLN B 409 40.70 14.91 -41.25
C GLN B 409 40.01 15.21 -42.58
N THR B 412 35.74 13.04 -43.49
CA THR B 412 34.85 13.23 -42.33
C THR B 412 33.66 14.14 -42.60
N GLU B 413 33.81 15.03 -43.59
CA GLU B 413 32.83 16.02 -43.97
C GLU B 413 31.43 15.47 -44.35
N ARG B 414 30.39 16.22 -43.97
CA ARG B 414 29.00 15.90 -44.31
C ARG B 414 28.19 17.19 -44.36
N THR B 415 27.15 17.21 -45.21
CA THR B 415 26.22 18.33 -45.29
C THR B 415 25.16 18.18 -44.22
N VAL B 416 24.96 19.26 -43.47
CA VAL B 416 23.94 19.35 -42.42
C VAL B 416 23.02 20.45 -42.85
N TRP B 417 21.76 20.16 -42.85
CA TRP B 417 20.79 21.15 -43.29
C TRP B 417 20.13 21.69 -42.03
N GLN B 418 20.19 22.99 -41.84
CA GLN B 418 19.53 23.67 -40.72
C GLN B 418 18.28 24.43 -41.16
N TYR B 419 17.12 23.91 -40.82
CA TYR B 419 15.82 24.54 -41.11
C TYR B 419 15.49 25.43 -39.95
N HIS B 420 15.56 26.71 -40.20
CA HIS B 420 15.36 27.69 -39.17
C HIS B 420 13.96 28.35 -39.28
N PHE B 421 13.01 27.83 -38.46
CA PHE B 421 11.63 28.31 -38.40
C PHE B 421 11.59 29.64 -37.66
N ARG B 422 11.21 30.68 -38.41
CA ARG B 422 11.23 32.08 -37.99
C ARG B 422 9.91 32.77 -37.70
N THR B 423 8.75 32.16 -37.99
CA THR B 423 7.46 32.86 -37.87
C THR B 423 6.59 32.49 -36.65
N TRP B 424 7.09 31.64 -35.74
CA TRP B 424 6.34 31.27 -34.55
C TRP B 424 6.13 32.49 -33.64
N PRO B 425 4.88 32.80 -33.21
CA PRO B 425 4.64 33.99 -32.36
C PRO B 425 5.40 34.01 -31.03
N ASP B 426 5.69 35.22 -30.50
CA ASP B 426 6.42 35.43 -29.23
C ASP B 426 5.76 34.68 -28.06
N HIS B 427 4.42 34.80 -27.97
CA HIS B 427 3.55 34.11 -27.01
C HIS B 427 2.50 33.35 -27.81
N GLY B 428 2.15 32.15 -27.35
CA GLY B 428 1.12 31.35 -28.00
C GLY B 428 1.61 30.40 -29.07
N VAL B 429 0.74 30.15 -30.07
CA VAL B 429 0.94 29.22 -31.19
C VAL B 429 0.46 29.89 -32.53
N PRO B 430 0.82 29.37 -33.73
CA PRO B 430 0.30 29.99 -34.97
C PRO B 430 -1.21 29.83 -35.09
N SER B 431 -1.86 30.83 -35.69
CA SER B 431 -3.30 30.87 -35.94
C SER B 431 -3.67 29.71 -36.87
N ASP B 432 -2.78 29.43 -37.84
CA ASP B 432 -2.96 28.38 -38.83
C ASP B 432 -1.75 27.43 -38.87
N PRO B 433 -1.96 26.10 -38.94
CA PRO B 433 -0.83 25.16 -38.98
C PRO B 433 -0.16 24.92 -40.35
N GLY B 434 -0.73 25.44 -41.43
CA GLY B 434 -0.21 25.31 -42.79
C GLY B 434 1.29 25.44 -42.92
N GLY B 435 1.83 26.59 -42.44
CA GLY B 435 3.25 26.95 -42.42
C GLY B 435 4.15 25.94 -41.72
N VAL B 436 3.77 25.48 -40.53
CA VAL B 436 4.48 24.45 -39.75
C VAL B 436 4.51 23.16 -40.56
N LEU B 437 3.37 22.80 -41.15
CA LEU B 437 3.15 21.60 -41.96
C LEU B 437 3.96 21.59 -43.26
N ASP B 438 4.04 22.74 -43.97
CA ASP B 438 4.85 22.88 -45.20
C ASP B 438 6.34 22.60 -44.86
N PHE B 439 6.81 23.27 -43.80
CA PHE B 439 8.14 23.19 -43.18
C PHE B 439 8.50 21.73 -42.84
N LEU B 440 7.70 21.05 -41.97
CA LEU B 440 7.97 19.66 -41.56
C LEU B 440 8.02 18.68 -42.76
N GLU B 441 7.14 18.91 -43.77
CA GLU B 441 7.13 18.14 -45.00
C GLU B 441 8.52 18.23 -45.72
N GLU B 442 9.08 19.45 -45.80
CA GLU B 442 10.40 19.75 -46.35
C GLU B 442 11.52 19.07 -45.53
N VAL B 443 11.38 19.11 -44.20
CA VAL B 443 12.31 18.53 -43.23
C VAL B 443 12.40 17.02 -43.41
N HIS B 444 11.23 16.37 -43.54
CA HIS B 444 11.09 14.93 -43.69
C HIS B 444 11.65 14.47 -45.02
N HIS B 445 11.35 15.20 -46.11
CA HIS B 445 11.86 14.83 -47.42
C HIS B 445 13.39 14.91 -47.48
N LYS B 446 14.00 15.98 -46.89
CA LYS B 446 15.44 16.15 -46.74
C LYS B 446 16.05 14.99 -45.97
N GLN B 447 15.41 14.58 -44.85
CA GLN B 447 15.86 13.47 -43.99
C GLN B 447 15.75 12.13 -44.69
N GLU B 448 14.60 11.86 -45.35
CA GLU B 448 14.41 10.61 -46.11
C GLU B 448 15.37 10.48 -47.33
N SER B 449 15.98 11.60 -47.80
CA SER B 449 16.86 11.64 -48.97
C SER B 449 18.36 11.40 -48.68
N ILE B 450 18.72 11.27 -47.40
CA ILE B 450 20.10 11.04 -46.99
C ILE B 450 20.21 9.64 -46.40
N MET B 451 21.07 8.84 -47.01
CA MET B 451 21.40 7.48 -46.65
C MET B 451 22.03 7.47 -45.26
N ASP B 452 21.49 6.62 -44.36
CA ASP B 452 21.96 6.37 -42.99
C ASP B 452 22.19 7.67 -42.18
N ALA B 453 21.30 8.66 -42.35
CA ALA B 453 21.32 9.90 -41.58
C ALA B 453 20.85 9.57 -40.14
N GLY B 454 21.35 10.31 -39.17
CA GLY B 454 21.00 10.06 -37.78
C GLY B 454 19.80 10.86 -37.30
N PRO B 455 19.59 10.94 -35.97
CA PRO B 455 18.43 11.69 -35.45
C PRO B 455 18.30 13.09 -36.01
N VAL B 456 17.07 13.54 -36.24
CA VAL B 456 16.85 14.93 -36.65
C VAL B 456 16.99 15.72 -35.35
N VAL B 457 17.91 16.71 -35.30
CA VAL B 457 18.12 17.58 -34.12
C VAL B 457 17.03 18.66 -34.08
N VAL B 458 16.21 18.70 -33.00
CA VAL B 458 15.11 19.70 -32.83
C VAL B 458 15.36 20.49 -31.55
N HIS B 459 15.37 21.84 -31.64
CA HIS B 459 15.63 22.69 -30.47
C HIS B 459 14.89 24.05 -30.46
N CYS B 460 14.52 24.49 -29.27
CA CYS B 460 13.90 25.80 -29.05
C CYS B 460 14.73 26.45 -27.96
N SER B 461 14.14 27.07 -26.93
CA SER B 461 14.83 27.69 -25.80
C SER B 461 15.21 26.64 -24.73
N ALA B 462 14.19 26.08 -24.05
CA ALA B 462 14.35 25.07 -22.99
C ALA B 462 14.34 23.64 -23.57
N GLY B 463 13.93 23.51 -24.83
CA GLY B 463 13.91 22.24 -25.56
C GLY B 463 12.75 21.36 -25.20
N ILE B 464 11.68 21.97 -24.62
CA ILE B 464 10.55 21.12 -24.22
C ILE B 464 9.19 21.50 -24.87
N GLY B 465 8.83 22.79 -24.91
CA GLY B 465 7.53 23.26 -25.38
C GLY B 465 7.32 23.24 -26.87
N ARG B 466 8.05 24.11 -27.60
CA ARG B 466 8.01 24.17 -29.06
C ARG B 466 8.66 22.92 -29.67
N THR B 467 9.76 22.45 -29.09
CA THR B 467 10.48 21.26 -29.50
C THR B 467 9.54 20.05 -29.45
N GLY B 468 8.80 19.96 -28.33
CA GLY B 468 7.80 18.93 -28.06
C GLY B 468 6.68 18.98 -29.05
N THR B 469 6.11 20.16 -29.27
CA THR B 469 5.04 20.38 -30.24
C THR B 469 5.41 19.93 -31.64
N PHE B 470 6.61 20.30 -32.13
CA PHE B 470 7.16 19.98 -33.48
C PHE B 470 7.41 18.48 -33.67
N ILE B 471 8.02 17.83 -32.68
CA ILE B 471 8.35 16.39 -32.72
C ILE B 471 7.07 15.56 -32.73
N VAL B 472 6.08 15.92 -31.89
CA VAL B 472 4.79 15.22 -31.79
C VAL B 472 4.06 15.31 -33.14
N ILE B 473 4.06 16.49 -33.78
CA ILE B 473 3.40 16.68 -35.08
C ILE B 473 4.07 15.79 -36.14
N ASP B 474 5.41 15.80 -36.20
CA ASP B 474 6.17 15.00 -37.13
C ASP B 474 6.02 13.51 -36.88
N ILE B 475 5.86 13.10 -35.63
CA ILE B 475 5.65 11.68 -35.31
C ILE B 475 4.32 11.19 -35.90
N LEU B 476 3.23 11.97 -35.65
CA LEU B 476 1.84 11.67 -36.00
C LEU B 476 1.58 11.70 -37.50
N ILE B 477 2.09 12.73 -38.18
CA ILE B 477 1.96 12.81 -39.64
C ILE B 477 2.89 11.79 -40.31
N ASP B 478 3.92 11.24 -39.61
CA ASP B 478 4.77 10.19 -40.19
C ASP B 478 3.93 8.89 -40.32
N ILE B 479 3.08 8.61 -39.31
CA ILE B 479 2.15 7.48 -39.28
C ILE B 479 1.15 7.60 -40.46
N ILE B 480 0.55 8.80 -40.62
CA ILE B 480 -0.41 9.15 -41.65
C ILE B 480 0.25 9.13 -43.05
N ARG B 481 1.55 9.50 -43.16
CA ARG B 481 2.33 9.48 -44.41
C ARG B 481 2.40 8.06 -44.98
N GLU B 482 2.73 7.07 -44.14
CA GLU B 482 2.80 5.68 -44.60
C GLU B 482 1.38 5.10 -44.72
N LYS B 483 0.77 4.69 -43.58
CA LYS B 483 -0.55 4.07 -43.40
C LYS B 483 -1.72 4.74 -44.13
N GLY B 484 -1.61 6.03 -44.43
CA GLY B 484 -2.65 6.79 -45.10
C GLY B 484 -3.69 7.26 -44.11
N VAL B 485 -4.89 7.57 -44.60
CA VAL B 485 -6.02 8.01 -43.77
C VAL B 485 -6.65 6.83 -42.95
N ASP B 486 -6.18 5.60 -43.20
CA ASP B 486 -6.65 4.37 -42.57
C ASP B 486 -5.58 3.90 -41.59
N CYS B 487 -5.59 4.51 -40.39
CA CYS B 487 -4.65 4.28 -39.29
C CYS B 487 -5.21 4.84 -37.99
N ASP B 488 -4.71 4.34 -36.84
CA ASP B 488 -5.13 4.86 -35.54
C ASP B 488 -4.14 5.94 -35.04
N ILE B 489 -4.65 6.88 -34.23
CA ILE B 489 -3.85 7.97 -33.65
C ILE B 489 -4.36 8.34 -32.28
N ASP B 490 -3.43 8.33 -31.32
CA ASP B 490 -3.65 8.68 -29.92
C ASP B 490 -2.64 9.79 -29.56
N VAL B 491 -3.09 11.06 -29.70
CA VAL B 491 -2.36 12.30 -29.40
C VAL B 491 -1.78 12.27 -27.96
N PRO B 492 -2.57 12.07 -26.87
CA PRO B 492 -1.95 12.04 -25.53
C PRO B 492 -1.07 10.83 -25.24
N LYS B 493 -1.27 9.68 -25.94
CA LYS B 493 -0.39 8.52 -25.71
C LYS B 493 1.00 8.84 -26.26
N THR B 494 1.02 9.47 -27.44
CA THR B 494 2.21 9.93 -28.17
C THR B 494 2.95 10.99 -27.36
N ILE B 495 2.22 11.93 -26.74
CA ILE B 495 2.85 12.93 -25.88
C ILE B 495 3.50 12.24 -24.66
N GLN B 496 2.80 11.31 -24.00
CA GLN B 496 3.29 10.52 -22.85
C GLN B 496 4.56 9.70 -23.18
N MET B 497 4.58 8.98 -24.32
CA MET B 497 5.74 8.23 -24.82
C MET B 497 6.98 9.17 -25.00
N VAL B 498 6.74 10.35 -25.54
CA VAL B 498 7.76 11.37 -25.77
C VAL B 498 8.26 11.94 -24.41
N ARG B 499 7.30 12.37 -23.52
CA ARG B 499 7.53 12.86 -22.15
C ARG B 499 8.30 11.85 -21.27
N SER B 500 8.18 10.54 -21.55
CA SER B 500 8.91 9.50 -20.82
C SER B 500 10.39 9.50 -21.23
N GLN B 501 10.74 10.24 -22.30
CA GLN B 501 12.13 10.33 -22.76
C GLN B 501 12.78 11.67 -22.40
N ARG B 502 12.00 12.71 -22.20
CA ARG B 502 12.39 14.06 -21.79
C ARG B 502 11.13 14.69 -21.24
N SER B 503 11.19 15.08 -19.96
CA SER B 503 10.09 15.62 -19.22
C SER B 503 9.75 17.02 -19.70
N GLY B 504 8.46 17.35 -19.63
CA GLY B 504 7.94 18.65 -20.03
C GLY B 504 7.59 18.79 -21.48
N MET B 505 7.82 17.76 -22.30
CA MET B 505 7.51 17.80 -23.74
C MET B 505 6.05 18.09 -24.00
N VAL B 506 5.81 19.24 -24.66
CA VAL B 506 4.50 19.89 -24.95
C VAL B 506 4.17 20.58 -23.62
N GLN B 507 4.20 21.92 -23.61
CA GLN B 507 4.00 22.71 -22.39
C GLN B 507 2.57 23.14 -22.08
N THR B 508 1.81 23.58 -23.09
CA THR B 508 0.49 24.17 -22.87
C THR B 508 -0.67 23.51 -23.57
N GLU B 509 -1.92 23.91 -23.16
CA GLU B 509 -3.21 23.53 -23.73
C GLU B 509 -3.27 23.97 -25.21
N ALA B 510 -2.89 25.24 -25.51
CA ALA B 510 -2.87 25.83 -26.86
C ALA B 510 -1.98 25.00 -27.82
N GLN B 511 -0.79 24.56 -27.36
CA GLN B 511 0.15 23.71 -28.12
C GLN B 511 -0.52 22.38 -28.40
N TYR B 512 -1.17 21.79 -27.37
CA TYR B 512 -1.91 20.52 -27.40
C TYR B 512 -3.06 20.62 -28.47
N ARG B 513 -3.85 21.70 -28.43
CA ARG B 513 -4.90 22.02 -29.39
C ARG B 513 -4.29 22.15 -30.82
N PHE B 514 -3.13 22.82 -30.94
CA PHE B 514 -2.38 23.02 -32.19
C PHE B 514 -1.92 21.71 -32.85
N ILE B 515 -1.52 20.70 -32.04
CA ILE B 515 -1.08 19.38 -32.53
C ILE B 515 -2.26 18.73 -33.26
N TYR B 516 -3.47 18.81 -32.65
CA TYR B 516 -4.75 18.30 -33.18
C TYR B 516 -5.13 18.99 -34.46
N MET B 517 -5.02 20.33 -34.49
CA MET B 517 -5.32 21.20 -35.65
C MET B 517 -4.36 20.92 -36.80
N ALA B 518 -3.10 20.57 -36.50
CA ALA B 518 -2.09 20.25 -37.52
C ALA B 518 -2.41 18.89 -38.12
N VAL B 519 -2.73 17.90 -37.29
CA VAL B 519 -3.09 16.56 -37.71
C VAL B 519 -4.37 16.66 -38.59
N GLN B 520 -5.36 17.49 -38.16
CA GLN B 520 -6.62 17.72 -38.87
C GLN B 520 -6.43 18.39 -40.22
N HIS B 521 -5.63 19.48 -40.28
CA HIS B 521 -5.30 20.23 -41.51
C HIS B 521 -4.49 19.36 -42.51
N TYR B 522 -3.53 18.56 -42.01
CA TYR B 522 -2.73 17.67 -42.87
C TYR B 522 -3.61 16.62 -43.59
N ILE B 523 -4.38 15.81 -42.82
CA ILE B 523 -5.30 14.79 -43.33
C ILE B 523 -6.22 15.31 -44.48
N GLU B 524 -6.87 16.47 -44.28
CA GLU B 524 -7.78 17.12 -45.23
C GLU B 524 -7.13 17.56 -46.54
N THR B 525 -5.80 17.64 -46.59
CA THR B 525 -5.02 18.04 -47.78
C THR B 525 -4.13 16.88 -48.22
C1 DZJ C . 2.31 -8.80 22.97
C2 DZJ C . 1.70 -9.18 21.74
C3 DZJ C . 2.43 -9.85 20.73
O1 DZJ C . 8.19 -12.39 18.38
O2 DZJ C . 3.52 -11.21 18.21
C11 DZJ C . 5.69 -12.49 16.71
C12 DZJ C . 5.08 -13.89 16.70
C13 DZJ C . 4.22 -14.26 15.62
C14 DZJ C . 3.65 -15.56 15.58
C15 DZJ C . 3.92 -16.49 16.63
C16 DZJ C . 4.78 -16.11 17.70
C17 DZJ C . 5.36 -14.82 17.74
C4 DZJ C . 3.83 -10.13 20.92
C5 DZJ C . 4.40 -9.72 22.13
C6 DZJ C . 3.69 -9.04 23.15
N1 DZJ C . 4.81 -10.78 20.06
C7 DZJ C . 6.11 -10.85 20.65
S1 DZJ C . 6.06 -10.11 22.27
C8 DZJ C . 4.62 -11.28 18.78
C9 DZJ C . 5.82 -11.85 18.10
C10 DZJ C . 7.00 -11.88 18.79
N2 DZJ C . 7.15 -11.38 20.06
CL1 DZJ C . 1.46 -7.94 24.20
C1 DZJ D . -4.50 10.66 -21.66
C2 DZJ D . -3.45 10.62 -20.71
C3 DZJ D . -2.55 9.51 -20.67
O1 DZJ D . -0.59 3.42 -22.63
O2 DZJ D . -0.39 7.40 -20.02
C11 DZJ D . 0.87 4.78 -20.49
C12 DZJ D . 2.21 5.12 -21.11
C13 DZJ D . 3.36 5.17 -20.26
C14 DZJ D . 4.63 5.50 -20.81
C15 DZJ D . 4.75 5.77 -22.19
C16 DZJ D . 3.62 5.72 -23.05
C17 DZJ D . 2.35 5.38 -22.52
C4 DZJ D . -2.75 8.38 -21.51
C5 DZJ D . -3.80 8.47 -22.43
C6 DZJ D . -4.70 9.55 -22.51
N1 DZJ D . -1.99 7.13 -21.66
C7 DZJ D . -2.51 6.28 -22.68
S1 DZJ D . -3.93 7.09 -23.43
C8 DZJ D . -0.88 6.72 -20.92
C9 DZJ D . -0.36 5.35 -21.23
C10 DZJ D . -0.97 4.64 -22.21
N2 DZJ D . -2.01 5.12 -22.99
CL1 DZJ D . -5.53 12.06 -21.83
#